data_7N0Y
#
_entry.id   7N0Y
#
_cell.length_a   73.295
_cell.length_b   73.295
_cell.length_c   347.743
_cell.angle_alpha   90.00
_cell.angle_beta   90.00
_cell.angle_gamma   120.00
#
_symmetry.space_group_name_H-M   'P 32 2 1'
#
loop_
_entity.id
_entity.type
_entity.pdbx_description
1 polymer 'Acetylcholine-binding protein'
2 polymer 'Globular alpha-conotoxin AusIA'
3 water water
#
loop_
_entity_poly.entity_id
_entity_poly.type
_entity_poly.pdbx_seq_one_letter_code
_entity_poly.pdbx_strand_id
1 'polypeptide(L)'
;LDRADILYNIRQTSRPDVIPTQRDRPVAVSVSLKFINILEVNEITNEVDVVFWQQTTWSDRTLAWNSSHSPDQVSVPISS
LWVPDLAAYNAISKPEVLTPQLARVVSDGEVLYMPSIRQRFSCDVSGVDTESGATCRIKIGSWTHHSREISVDPTTENSD
DSEYFSQYSRFEILDVTQKKNSVTYSCCPEAYEDVEVSLNFRKKG
;
A,B,C,D,E
2 'polypeptide(L)' SCCARNPACRHNHPCV G
#
# COMPACT_ATOMS: atom_id res chain seq x y z
N LEU A 1 -20.74 -33.90 -0.76
CA LEU A 1 -20.50 -32.43 -0.63
C LEU A 1 -19.64 -31.99 -1.78
N ASP A 2 -20.05 -30.91 -2.45
CA ASP A 2 -19.16 -30.25 -3.45
C ASP A 2 -18.32 -29.16 -2.77
N ARG A 3 -17.36 -28.61 -3.53
CA ARG A 3 -16.43 -27.56 -3.06
C ARG A 3 -17.21 -26.35 -2.55
N ALA A 4 -18.32 -26.00 -3.19
CA ALA A 4 -19.12 -24.86 -2.76
C ALA A 4 -19.59 -25.04 -1.30
N ASP A 5 -20.17 -26.22 -1.03
CA ASP A 5 -20.62 -26.62 0.31
C ASP A 5 -19.46 -26.65 1.30
N ILE A 6 -18.33 -27.21 0.88
CA ILE A 6 -17.18 -27.27 1.75
C ILE A 6 -16.77 -25.86 2.19
N LEU A 7 -16.62 -24.95 1.21
CA LEU A 7 -16.20 -23.57 1.48
C LEU A 7 -17.24 -22.88 2.36
N TYR A 8 -18.51 -23.05 2.01
CA TYR A 8 -19.64 -22.46 2.78
C TYR A 8 -19.52 -22.88 4.24
N ASN A 9 -19.37 -24.19 4.47
CA ASN A 9 -19.22 -24.73 5.81
C ASN A 9 -17.99 -24.25 6.55
N ILE A 10 -16.91 -23.95 5.81
CA ILE A 10 -15.72 -23.39 6.43
C ILE A 10 -16.01 -21.97 6.92
N ARG A 11 -16.68 -21.15 6.09
CA ARG A 11 -17.07 -19.76 6.44
C ARG A 11 -17.97 -19.75 7.69
N GLN A 12 -19.03 -20.57 7.69
CA GLN A 12 -19.75 -20.88 8.92
C GLN A 12 -18.68 -21.70 9.63
N THR A 13 -18.47 -21.42 10.91
CA THR A 13 -17.62 -22.25 11.82
C THR A 13 -16.12 -21.94 11.94
N SER A 14 -15.50 -21.39 10.88
CA SER A 14 -14.17 -20.79 11.01
C SER A 14 -14.31 -19.36 11.48
N ARG A 15 -13.55 -19.03 12.53
CA ARG A 15 -13.41 -17.66 13.08
C ARG A 15 -11.96 -17.25 12.89
N PRO A 16 -11.63 -16.47 11.84
CA PRO A 16 -10.26 -16.00 11.61
C PRO A 16 -9.58 -15.30 12.79
N ASP A 17 -10.37 -14.74 13.72
CA ASP A 17 -9.87 -14.03 14.87
C ASP A 17 -9.84 -14.84 16.19
N VAL A 18 -10.05 -16.16 16.09
CA VAL A 18 -10.04 -17.05 17.25
C VAL A 18 -9.17 -18.27 16.99
N ILE A 19 -8.13 -18.39 17.80
CA ILE A 19 -7.20 -19.50 17.73
C ILE A 19 -7.97 -20.80 17.94
N PRO A 20 -7.87 -21.79 17.03
CA PRO A 20 -8.66 -23.02 17.12
C PRO A 20 -8.20 -24.07 18.16
N THR A 21 -8.48 -23.77 19.42
CA THR A 21 -7.97 -24.57 20.51
C THR A 21 -8.95 -24.75 21.63
N GLN A 22 -8.84 -25.90 22.31
CA GLN A 22 -9.70 -26.32 23.39
C GLN A 22 -8.90 -26.10 24.67
N ARG A 23 -9.37 -25.17 25.50
CA ARG A 23 -8.84 -24.85 26.86
C ARG A 23 -7.30 -24.70 26.77
N ASP A 24 -6.55 -25.33 27.68
CA ASP A 24 -5.12 -25.03 27.76
C ASP A 24 -4.27 -25.62 26.63
N ARG A 25 -4.87 -26.28 25.62
CA ARG A 25 -4.09 -27.14 24.67
C ARG A 25 -3.53 -26.28 23.54
N PRO A 26 -2.23 -26.36 23.19
CA PRO A 26 -1.69 -25.45 22.18
C PRO A 26 -2.01 -25.91 20.77
N VAL A 27 -1.99 -24.99 19.79
CA VAL A 27 -2.07 -25.36 18.40
C VAL A 27 -0.63 -25.60 17.95
N ALA A 28 -0.37 -26.83 17.48
CA ALA A 28 0.96 -27.26 17.05
C ALA A 28 1.14 -26.74 15.60
N VAL A 29 2.04 -25.78 15.43
CA VAL A 29 2.40 -25.26 14.17
C VAL A 29 3.79 -25.72 13.77
N SER A 30 3.93 -26.25 12.55
CA SER A 30 5.23 -26.61 12.03
C SER A 30 5.61 -25.59 10.93
N VAL A 31 6.92 -25.37 10.79
CA VAL A 31 7.47 -24.39 9.90
C VAL A 31 8.70 -24.99 9.24
N SER A 32 8.82 -24.81 7.91
CA SER A 32 10.02 -25.06 7.18
C SER A 32 10.24 -24.03 6.08
N LEU A 33 11.45 -23.50 5.97
CA LEU A 33 11.84 -22.59 4.93
C LEU A 33 12.51 -23.36 3.76
N LYS A 34 12.06 -23.09 2.55
CA LYS A 34 12.74 -23.53 1.35
C LYS A 34 13.28 -22.28 0.67
N PHE A 35 14.60 -22.14 0.62
CA PHE A 35 15.24 -20.98 0.00
C PHE A 35 15.24 -21.05 -1.50
N ILE A 36 14.83 -19.95 -2.14
CA ILE A 36 14.74 -19.85 -3.59
C ILE A 36 15.84 -18.99 -4.14
N ASN A 37 16.17 -17.90 -3.43
CA ASN A 37 17.20 -16.98 -3.88
C ASN A 37 17.76 -16.11 -2.76
N ILE A 38 18.99 -15.64 -2.95
CA ILE A 38 19.60 -14.66 -2.08
C ILE A 38 19.97 -13.54 -3.02
N LEU A 39 19.38 -12.35 -2.80
CA LEU A 39 19.29 -11.36 -3.85
C LEU A 39 20.19 -10.19 -3.75
N GLU A 40 20.31 -9.60 -2.56
CA GLU A 40 21.14 -8.38 -2.46
C GLU A 40 21.89 -8.42 -1.21
N VAL A 41 23.18 -8.74 -1.33
CA VAL A 41 24.04 -8.81 -0.22
C VAL A 41 24.73 -7.46 -0.23
N ASN A 42 24.57 -6.72 0.88
CA ASN A 42 25.21 -5.44 1.04
C ASN A 42 26.34 -5.60 2.04
N GLU A 43 27.56 -5.71 1.48
CA GLU A 43 28.77 -5.93 2.25
C GLU A 43 29.04 -4.77 3.22
N ILE A 44 28.61 -3.55 2.84
CA ILE A 44 28.81 -2.34 3.65
C ILE A 44 27.87 -2.24 4.87
N THR A 45 26.58 -2.56 4.68
CA THR A 45 25.55 -2.45 5.73
C THR A 45 25.03 -3.78 6.06
N ASN A 46 25.83 -4.73 6.50
CA ASN A 46 25.41 -6.12 6.79
C ASN A 46 23.93 -6.54 6.64
N GLU A 47 23.41 -6.46 5.41
CA GLU A 47 22.02 -6.76 5.16
C GLU A 47 21.88 -7.68 3.96
N VAL A 48 20.90 -8.59 4.05
CA VAL A 48 20.65 -9.50 2.97
C VAL A 48 19.18 -9.63 2.71
N ASP A 49 18.85 -9.87 1.44
CA ASP A 49 17.48 -10.07 0.96
C ASP A 49 17.34 -11.51 0.52
N VAL A 50 16.37 -12.23 1.10
CA VAL A 50 16.14 -13.60 0.73
C VAL A 50 14.73 -13.78 0.22
N VAL A 51 14.56 -14.70 -0.74
CA VAL A 51 13.26 -15.22 -1.13
C VAL A 51 13.19 -16.68 -0.67
N PHE A 52 12.08 -17.03 -0.02
CA PHE A 52 11.90 -18.36 0.51
C PHE A 52 10.44 -18.74 0.54
N TRP A 53 10.16 -20.03 0.35
CA TRP A 53 8.81 -20.53 0.55
C TRP A 53 8.69 -20.91 2.02
N GLN A 54 7.73 -20.32 2.72
CA GLN A 54 7.51 -20.58 4.13
C GLN A 54 6.41 -21.63 4.36
N GLN A 55 6.81 -22.90 4.41
CA GLN A 55 5.86 -23.98 4.64
C GLN A 55 5.41 -24.00 6.08
N THR A 56 4.14 -23.67 6.30
CA THR A 56 3.51 -23.63 7.60
C THR A 56 2.31 -24.62 7.60
N THR A 57 2.26 -25.51 8.58
CA THR A 57 1.11 -26.39 8.76
C THR A 57 0.62 -26.39 10.20
N TRP A 58 -0.67 -26.70 10.38
CA TRP A 58 -1.37 -26.80 11.66
C TRP A 58 -2.72 -27.46 11.45
N SER A 59 -3.41 -27.79 12.54
CA SER A 59 -4.73 -28.42 12.50
C SER A 59 -5.78 -27.52 13.05
N ASP A 60 -6.98 -27.61 12.49
CA ASP A 60 -8.18 -26.97 13.00
C ASP A 60 -9.34 -27.89 12.67
N ARG A 61 -9.70 -28.70 13.65
CA ARG A 61 -10.73 -29.78 13.54
C ARG A 61 -12.12 -29.17 13.30
N THR A 62 -12.31 -27.88 13.57
CA THR A 62 -13.58 -27.22 13.24
C THR A 62 -13.85 -27.22 11.74
N LEU A 63 -12.78 -27.20 10.93
CA LEU A 63 -12.86 -27.18 9.48
C LEU A 63 -13.10 -28.57 8.83
N ALA A 64 -12.99 -29.66 9.59
CA ALA A 64 -13.03 -31.00 9.00
C ALA A 64 -14.40 -31.32 8.38
N TRP A 65 -14.39 -32.14 7.33
CA TRP A 65 -15.64 -32.62 6.76
C TRP A 65 -15.44 -34.07 6.36
N ASN A 66 -16.55 -34.74 6.07
CA ASN A 66 -16.59 -36.11 5.63
C ASN A 66 -16.25 -36.22 4.13
N SER A 67 -15.14 -36.89 3.87
CA SER A 67 -14.54 -36.94 2.55
C SER A 67 -15.02 -38.06 1.62
N SER A 68 -16.11 -38.72 2.00
CA SER A 68 -16.73 -39.76 1.17
C SER A 68 -17.59 -39.01 0.17
N HIS A 69 -17.54 -39.49 -1.09
CA HIS A 69 -18.18 -38.84 -2.22
C HIS A 69 -17.93 -37.31 -2.17
N SER A 70 -16.70 -36.90 -1.89
CA SER A 70 -16.34 -35.50 -1.69
C SER A 70 -14.85 -35.25 -1.92
N PRO A 71 -14.48 -34.01 -2.28
CA PRO A 71 -13.08 -33.61 -2.37
C PRO A 71 -12.33 -33.79 -1.06
N ASP A 72 -11.06 -34.21 -1.15
CA ASP A 72 -10.19 -34.46 -0.01
C ASP A 72 -9.57 -33.17 0.48
N GLN A 73 -9.49 -32.19 -0.41
CA GLN A 73 -8.86 -30.90 -0.12
C GLN A 73 -9.52 -29.74 -0.85
N VAL A 74 -9.35 -28.54 -0.31
CA VAL A 74 -9.69 -27.33 -0.99
C VAL A 74 -8.68 -26.22 -0.73
N SER A 75 -8.64 -25.27 -1.67
CA SER A 75 -7.91 -24.02 -1.60
C SER A 75 -8.91 -23.00 -1.06
N VAL A 76 -8.49 -22.27 -0.01
CA VAL A 76 -9.37 -21.34 0.66
C VAL A 76 -8.54 -20.08 0.88
N PRO A 77 -9.07 -18.87 0.69
CA PRO A 77 -8.29 -17.65 0.96
C PRO A 77 -7.99 -17.52 2.46
N ILE A 78 -6.77 -17.10 2.80
CA ILE A 78 -6.38 -17.00 4.21
C ILE A 78 -7.24 -16.09 5.08
N SER A 79 -7.92 -15.10 4.49
CA SER A 79 -8.82 -14.24 5.24
C SER A 79 -10.08 -14.94 5.72
N SER A 80 -10.37 -16.14 5.22
CA SER A 80 -11.45 -16.97 5.74
C SER A 80 -11.03 -17.89 6.91
N LEU A 81 -9.72 -18.01 7.14
CA LEU A 81 -9.23 -18.91 8.16
C LEU A 81 -8.46 -18.15 9.22
N TRP A 82 -8.37 -18.74 10.41
CA TRP A 82 -7.36 -18.41 11.35
C TRP A 82 -6.01 -18.93 10.81
N VAL A 83 -5.00 -18.07 10.91
CA VAL A 83 -3.66 -18.36 10.51
C VAL A 83 -2.83 -17.98 11.73
N PRO A 84 -1.76 -18.74 12.04
CA PRO A 84 -0.90 -18.34 13.14
C PRO A 84 -0.23 -16.98 12.85
N ASP A 85 -0.09 -16.13 13.88
CA ASP A 85 0.52 -14.82 13.78
C ASP A 85 2.05 -14.93 13.83
N LEU A 86 2.62 -15.75 12.93
CA LEU A 86 4.05 -15.90 12.81
C LEU A 86 4.71 -14.59 12.31
N ALA A 87 5.90 -14.32 12.85
CA ALA A 87 6.74 -13.18 12.48
C ALA A 87 8.18 -13.57 12.51
N ALA A 88 8.95 -13.00 11.60
CA ALA A 88 10.38 -13.11 11.67
C ALA A 88 10.84 -12.03 12.63
N TYR A 89 11.09 -12.42 13.88
CA TYR A 89 11.43 -11.50 15.01
C TYR A 89 12.54 -10.54 14.57
N ASN A 90 13.50 -10.98 13.76
CA ASN A 90 14.66 -10.18 13.43
C ASN A 90 14.65 -9.65 11.99
N ALA A 91 13.46 -9.59 11.37
CA ALA A 91 13.38 -9.02 10.05
C ALA A 91 13.48 -7.50 10.18
N ILE A 92 14.02 -6.87 9.13
CA ILE A 92 14.11 -5.44 9.06
C ILE A 92 13.25 -4.86 7.95
N SER A 93 12.38 -5.70 7.38
CA SER A 93 11.45 -5.25 6.38
C SER A 93 10.20 -6.08 6.53
N LYS A 94 9.08 -5.51 6.07
CA LYS A 94 7.80 -6.17 6.02
C LYS A 94 7.94 -7.34 5.05
N PRO A 95 7.36 -8.50 5.37
CA PRO A 95 7.39 -9.62 4.44
C PRO A 95 6.57 -9.23 3.21
N GLU A 96 7.18 -9.34 2.02
CA GLU A 96 6.47 -9.23 0.79
C GLU A 96 6.05 -10.65 0.38
N VAL A 97 4.74 -10.89 0.38
CA VAL A 97 4.17 -12.15 -0.11
C VAL A 97 4.01 -12.06 -1.61
N LEU A 98 4.71 -12.95 -2.34
CA LEU A 98 4.75 -12.94 -3.82
C LEU A 98 3.63 -13.71 -4.49
N THR A 99 2.97 -14.61 -3.73
CA THR A 99 2.08 -15.61 -4.29
C THR A 99 0.62 -15.39 -3.87
N PRO A 100 -0.37 -16.02 -4.53
CA PRO A 100 -1.77 -15.93 -4.07
C PRO A 100 -1.93 -16.33 -2.60
N GLN A 101 -2.68 -15.54 -1.84
CA GLN A 101 -2.83 -15.78 -0.42
C GLN A 101 -3.95 -16.77 -0.16
N LEU A 102 -3.67 -18.01 -0.56
CA LEU A 102 -4.58 -19.14 -0.41
C LEU A 102 -3.87 -20.17 0.44
N ALA A 103 -4.64 -20.87 1.27
CA ALA A 103 -4.15 -22.06 1.97
C ALA A 103 -4.90 -23.27 1.43
N ARG A 104 -4.29 -24.45 1.58
CA ARG A 104 -4.91 -25.76 1.32
C ARG A 104 -5.52 -26.26 2.65
N VAL A 105 -6.80 -26.60 2.65
CA VAL A 105 -7.42 -27.23 3.77
C VAL A 105 -7.75 -28.67 3.38
N VAL A 106 -7.31 -29.62 4.21
CA VAL A 106 -7.58 -31.05 4.00
C VAL A 106 -8.80 -31.46 4.84
N SER A 107 -9.51 -32.51 4.39
CA SER A 107 -10.78 -32.92 4.98
C SER A 107 -10.70 -33.27 6.48
N ASP A 108 -9.50 -33.64 6.96
CA ASP A 108 -9.27 -33.90 8.39
C ASP A 108 -9.06 -32.64 9.23
N GLY A 109 -8.96 -31.50 8.57
CA GLY A 109 -8.80 -30.22 9.23
C GLY A 109 -7.37 -29.71 9.20
N GLU A 110 -6.49 -30.42 8.50
CA GLU A 110 -5.12 -29.97 8.38
C GLU A 110 -5.10 -28.81 7.36
N VAL A 111 -4.34 -27.76 7.69
CA VAL A 111 -4.19 -26.59 6.89
C VAL A 111 -2.71 -26.45 6.52
N LEU A 112 -2.46 -26.24 5.22
CA LEU A 112 -1.12 -25.96 4.72
C LEU A 112 -1.16 -24.59 4.05
N TYR A 113 -0.29 -23.69 4.51
CA TYR A 113 -0.08 -22.35 3.91
C TYR A 113 1.41 -22.24 3.58
N MET A 114 1.75 -22.03 2.31
CA MET A 114 3.14 -21.96 1.89
C MET A 114 3.33 -20.77 0.94
N PRO A 115 3.33 -19.52 1.47
CA PRO A 115 3.55 -18.34 0.63
C PRO A 115 5.02 -18.27 0.20
N SER A 116 5.28 -17.78 -1.00
CA SER A 116 6.62 -17.32 -1.32
C SER A 116 6.80 -15.91 -0.74
N ILE A 117 7.88 -15.74 0.03
CA ILE A 117 8.13 -14.52 0.74
C ILE A 117 9.48 -13.94 0.40
N ARG A 118 9.51 -12.63 0.18
CA ARG A 118 10.76 -11.86 0.06
C ARG A 118 10.86 -10.95 1.27
N GLN A 119 12.02 -10.93 1.92
CA GLN A 119 12.20 -10.22 3.16
C GLN A 119 13.67 -9.94 3.38
N ARG A 120 13.94 -8.85 4.10
CA ARG A 120 15.31 -8.36 4.39
C ARG A 120 15.68 -8.69 5.84
N PHE A 121 16.94 -9.11 6.06
CA PHE A 121 17.44 -9.43 7.39
C PHE A 121 18.79 -8.78 7.57
N SER A 122 19.18 -8.56 8.82
CA SER A 122 20.55 -8.17 9.15
C SER A 122 21.32 -9.46 9.32
N CYS A 123 22.45 -9.60 8.63
CA CYS A 123 23.33 -10.77 8.80
C CYS A 123 24.80 -10.39 8.54
N ASP A 124 25.74 -11.10 9.17
CA ASP A 124 27.19 -10.88 8.95
C ASP A 124 27.60 -11.44 7.59
N VAL A 125 27.91 -10.56 6.65
CA VAL A 125 28.22 -10.89 5.27
C VAL A 125 29.69 -10.68 4.95
N SER A 126 30.53 -10.56 5.97
CA SER A 126 31.97 -10.33 5.76
C SER A 126 32.69 -11.55 5.17
N GLY A 127 32.20 -12.75 5.48
CA GLY A 127 32.81 -13.99 5.08
C GLY A 127 32.18 -14.64 3.86
N VAL A 128 31.24 -13.93 3.22
CA VAL A 128 30.49 -14.43 2.07
C VAL A 128 31.38 -14.80 0.88
N ASP A 129 32.53 -14.13 0.78
CA ASP A 129 33.54 -14.37 -0.23
C ASP A 129 34.57 -15.44 0.16
N THR A 130 34.42 -16.05 1.35
CA THR A 130 35.34 -17.09 1.81
C THR A 130 34.72 -18.46 1.57
N GLU A 131 35.51 -19.51 1.84
CA GLU A 131 35.12 -20.87 1.61
C GLU A 131 34.03 -21.34 2.60
N SER A 132 34.14 -20.90 3.87
CA SER A 132 33.18 -21.25 4.91
C SER A 132 31.96 -20.39 4.83
N GLY A 133 32.08 -19.24 4.17
CA GLY A 133 30.94 -18.39 3.84
C GLY A 133 30.34 -17.65 5.02
N ALA A 134 29.18 -17.04 4.79
CA ALA A 134 28.41 -16.31 5.79
C ALA A 134 27.14 -17.09 6.21
N THR A 135 26.48 -16.63 7.29
CA THR A 135 25.28 -17.27 7.85
C THR A 135 24.19 -16.23 8.14
N CYS A 136 23.04 -16.36 7.50
CA CYS A 136 21.88 -15.54 7.79
C CYS A 136 20.91 -16.34 8.66
N ARG A 137 20.60 -15.83 9.85
CA ARG A 137 19.73 -16.52 10.85
C ARG A 137 18.35 -15.87 10.86
N ILE A 138 17.30 -16.64 10.63
CA ILE A 138 15.94 -16.12 10.62
C ILE A 138 15.18 -16.83 11.73
N LYS A 139 14.68 -16.05 12.69
CA LYS A 139 14.01 -16.53 13.90
C LYS A 139 12.51 -16.27 13.63
N ILE A 140 11.73 -17.35 13.52
CA ILE A 140 10.30 -17.30 13.34
C ILE A 140 9.53 -17.92 14.49
N GLY A 141 8.57 -17.17 15.03
CA GLY A 141 7.61 -17.65 16.01
C GLY A 141 6.34 -16.78 16.04
N SER A 142 5.37 -17.20 16.86
CA SER A 142 4.16 -16.46 17.12
C SER A 142 4.52 -15.12 17.76
N TRP A 143 3.86 -14.07 17.30
CA TRP A 143 4.12 -12.75 17.83
C TRP A 143 3.43 -12.58 19.19
N THR A 144 2.22 -13.14 19.36
CA THR A 144 1.44 -12.87 20.57
C THR A 144 1.00 -14.08 21.38
N HIS A 145 1.24 -15.29 20.88
CA HIS A 145 0.79 -16.50 21.56
C HIS A 145 2.00 -17.22 22.20
N HIS A 146 1.93 -17.41 23.50
CA HIS A 146 2.94 -18.17 24.20
C HIS A 146 2.71 -19.69 24.01
N SER A 147 3.57 -20.50 24.63
CA SER A 147 3.71 -21.91 24.31
C SER A 147 2.50 -22.80 24.67
N ARG A 148 1.63 -22.34 25.58
CA ARG A 148 0.37 -23.05 25.91
C ARG A 148 -0.74 -22.74 24.88
N GLU A 149 -0.53 -21.77 23.98
CA GLU A 149 -1.49 -21.44 22.95
C GLU A 149 -1.00 -21.84 21.55
N ILE A 150 0.28 -21.59 21.27
CA ILE A 150 0.91 -21.99 20.02
C ILE A 150 2.29 -22.58 20.27
N SER A 151 2.56 -23.76 19.72
CA SER A 151 3.90 -24.32 19.72
C SER A 151 4.36 -24.32 18.30
N VAL A 152 5.68 -24.16 18.11
CA VAL A 152 6.31 -24.04 16.81
C VAL A 152 7.46 -25.00 16.70
N ASP A 153 7.42 -25.90 15.70
CA ASP A 153 8.47 -26.89 15.46
C ASP A 153 9.00 -26.98 14.03
N PRO A 154 10.31 -27.26 13.88
CA PRO A 154 10.88 -27.46 12.55
C PRO A 154 10.37 -28.82 12.07
N THR A 155 10.47 -29.11 10.78
CA THR A 155 10.04 -30.40 10.28
C THR A 155 11.31 -31.18 10.19
N THR A 156 11.20 -32.44 9.74
CA THR A 156 12.34 -33.36 9.65
C THR A 156 13.21 -33.12 8.39
N GLU A 157 12.82 -32.12 7.57
CA GLU A 157 13.71 -31.41 6.62
C GLU A 157 14.86 -32.26 6.06
N ASN A 158 14.48 -33.29 5.30
CA ASN A 158 15.40 -34.20 4.67
C ASN A 158 16.10 -33.50 3.48
N SER A 159 15.28 -32.88 2.61
CA SER A 159 15.63 -32.69 1.21
C SER A 159 16.87 -31.80 1.00
N ASP A 160 17.35 -31.80 -0.25
CA ASP A 160 18.43 -30.96 -0.72
C ASP A 160 18.06 -29.52 -0.37
N ASP A 161 18.69 -29.01 0.70
CA ASP A 161 18.75 -27.58 1.04
C ASP A 161 18.68 -26.65 -0.19
N SER A 162 19.33 -27.09 -1.28
CA SER A 162 19.44 -26.39 -2.55
C SER A 162 18.44 -26.83 -3.63
N GLU A 163 17.49 -27.72 -3.31
CA GLU A 163 16.55 -28.25 -4.30
C GLU A 163 15.71 -27.20 -5.00
N TYR A 164 15.36 -26.14 -4.27
CA TYR A 164 14.45 -25.07 -4.78
C TYR A 164 15.28 -23.85 -5.21
N PHE A 165 16.59 -23.88 -4.97
CA PHE A 165 17.41 -22.70 -5.10
C PHE A 165 17.75 -22.40 -6.55
N SER A 166 17.63 -21.12 -6.93
CA SER A 166 17.92 -20.68 -8.28
C SER A 166 19.37 -20.98 -8.65
N GLN A 167 19.55 -21.77 -9.71
CA GLN A 167 20.85 -21.99 -10.29
C GLN A 167 21.48 -20.71 -10.82
N TYR A 168 20.75 -19.59 -10.86
CA TYR A 168 21.25 -18.35 -11.50
C TYR A 168 21.74 -17.35 -10.46
N SER A 169 21.48 -17.56 -9.17
CA SER A 169 21.98 -16.70 -8.09
C SER A 169 23.50 -16.66 -8.10
N ARG A 170 24.04 -15.48 -7.78
CA ARG A 170 25.50 -15.28 -7.56
C ARG A 170 25.96 -16.08 -6.33
N PHE A 171 25.02 -16.47 -5.46
CA PHE A 171 25.33 -17.24 -4.27
C PHE A 171 24.93 -18.71 -4.37
N GLU A 172 25.56 -19.52 -3.51
CA GLU A 172 25.22 -20.94 -3.33
C GLU A 172 25.04 -21.29 -1.86
N ILE A 173 24.15 -22.25 -1.60
CA ILE A 173 23.85 -22.70 -0.25
C ILE A 173 24.82 -23.79 0.17
N LEU A 174 25.51 -23.55 1.28
CA LEU A 174 26.39 -24.53 1.88
C LEU A 174 25.59 -25.43 2.80
N ASP A 175 24.69 -24.84 3.60
CA ASP A 175 23.93 -25.59 4.56
C ASP A 175 22.74 -24.79 5.06
N VAL A 176 21.68 -25.49 5.48
CA VAL A 176 20.56 -24.95 6.24
C VAL A 176 20.27 -25.81 7.45
N THR A 177 20.28 -25.20 8.64
CA THR A 177 20.02 -25.87 9.91
C THR A 177 18.89 -25.13 10.63
N GLN A 178 18.14 -25.86 11.46
CA GLN A 178 17.01 -25.43 12.21
C GLN A 178 17.22 -25.75 13.68
N LYS A 179 17.20 -24.71 14.53
CA LYS A 179 17.12 -24.90 15.97
C LYS A 179 15.82 -24.35 16.54
N LYS A 180 15.30 -25.00 17.59
CA LYS A 180 14.14 -24.53 18.30
C LYS A 180 14.60 -23.79 19.53
N ASN A 181 13.90 -22.69 19.83
CA ASN A 181 14.13 -21.87 21.03
C ASN A 181 12.83 -21.66 21.78
N SER A 182 12.98 -21.48 23.10
CA SER A 182 11.88 -21.19 24.00
C SER A 182 12.38 -20.09 24.96
N VAL A 183 11.75 -18.92 24.90
CA VAL A 183 12.29 -17.73 25.58
C VAL A 183 11.23 -17.32 26.58
N THR A 184 11.62 -17.05 27.83
CA THR A 184 10.72 -16.62 28.89
C THR A 184 11.25 -15.28 29.42
N TYR A 185 10.37 -14.28 29.52
CA TYR A 185 10.73 -12.89 29.91
C TYR A 185 10.30 -12.63 31.36
N SER A 186 10.91 -11.63 31.99
CA SER A 186 10.78 -11.43 33.44
C SER A 186 9.39 -10.95 33.87
N CYS A 187 8.68 -10.28 32.94
CA CYS A 187 7.30 -9.83 33.19
C CYS A 187 6.29 -10.97 33.44
N CYS A 188 6.48 -12.09 32.73
CA CYS A 188 5.40 -13.00 32.31
C CYS A 188 5.87 -14.44 32.42
N PRO A 189 5.19 -15.33 33.17
CA PRO A 189 5.71 -16.68 33.46
C PRO A 189 5.76 -17.65 32.27
N GLU A 190 5.03 -17.36 31.17
CA GLU A 190 5.03 -18.27 30.01
C GLU A 190 6.07 -17.91 28.95
N ALA A 191 6.37 -18.92 28.14
CA ALA A 191 7.49 -18.93 27.20
C ALA A 191 6.95 -18.69 25.78
N TYR A 192 7.76 -18.11 24.91
CA TYR A 192 7.46 -17.93 23.48
C TYR A 192 8.44 -18.80 22.67
N GLU A 193 7.87 -19.67 21.82
CA GLU A 193 8.65 -20.61 21.05
C GLU A 193 9.01 -19.92 19.75
N ASP A 194 10.21 -20.18 19.25
CA ASP A 194 10.54 -19.83 17.86
C ASP A 194 11.38 -20.95 17.25
N VAL A 195 11.44 -20.96 15.92
CA VAL A 195 12.38 -21.75 15.17
C VAL A 195 13.38 -20.81 14.55
N GLU A 196 14.67 -21.07 14.76
CA GLU A 196 15.73 -20.33 14.15
C GLU A 196 16.28 -21.15 13.02
N VAL A 197 16.29 -20.57 11.83
CA VAL A 197 16.75 -21.18 10.63
C VAL A 197 18.03 -20.48 10.25
N SER A 198 19.09 -21.25 10.00
CA SER A 198 20.41 -20.70 9.71
C SER A 198 20.81 -21.06 8.30
N LEU A 199 21.05 -20.04 7.48
CA LEU A 199 21.34 -20.19 6.08
C LEU A 199 22.79 -19.87 5.88
N ASN A 200 23.58 -20.90 5.57
CA ASN A 200 25.00 -20.75 5.41
C ASN A 200 25.18 -20.72 3.90
N PHE A 201 25.78 -19.65 3.39
CA PHE A 201 25.94 -19.45 1.94
C PHE A 201 27.23 -18.72 1.61
N ARG A 202 27.62 -18.74 0.33
CA ARG A 202 28.81 -17.97 -0.15
C ARG A 202 28.66 -17.57 -1.63
N LYS A 203 29.43 -16.56 -2.04
CA LYS A 203 29.50 -16.10 -3.41
C LYS A 203 30.07 -17.23 -4.24
N LYS A 204 29.57 -17.43 -5.46
CA LYS A 204 30.02 -18.54 -6.29
C LYS A 204 31.45 -18.49 -6.74
N GLY A 205 31.93 -17.32 -7.20
CA GLY A 205 33.35 -17.08 -7.44
C GLY A 205 33.84 -17.63 -8.77
N LEU B 1 -24.06 13.82 28.03
CA LEU B 1 -23.52 12.91 27.01
C LEU B 1 -22.11 12.54 27.33
N ASP B 2 -21.79 11.24 27.28
CA ASP B 2 -20.39 10.76 27.28
C ASP B 2 -19.83 10.71 25.86
N ARG B 3 -18.53 10.43 25.75
CA ARG B 3 -17.79 10.35 24.46
C ARG B 3 -18.42 9.30 23.56
N ALA B 4 -18.89 8.18 24.11
CA ALA B 4 -19.53 7.14 23.31
C ALA B 4 -20.76 7.69 22.58
N ASP B 5 -21.63 8.38 23.31
CA ASP B 5 -22.82 9.07 22.77
C ASP B 5 -22.43 10.13 21.74
N ILE B 6 -21.40 10.92 22.05
CA ILE B 6 -20.95 11.92 21.10
C ILE B 6 -20.56 11.25 19.77
N LEU B 7 -19.71 10.22 19.84
CA LEU B 7 -19.25 9.50 18.65
C LEU B 7 -20.42 8.86 17.93
N TYR B 8 -21.31 8.20 18.68
CA TYR B 8 -22.54 7.57 18.14
C TYR B 8 -23.30 8.61 17.32
N ASN B 9 -23.57 9.78 17.91
CA ASN B 9 -24.26 10.86 17.23
C ASN B 9 -23.51 11.41 16.01
N ILE B 10 -22.18 11.37 16.03
CA ILE B 10 -21.40 11.76 14.87
C ILE B 10 -21.61 10.78 13.71
N ARG B 11 -21.58 9.48 14.01
CA ARG B 11 -21.80 8.38 13.03
C ARG B 11 -23.21 8.49 12.41
N GLN B 12 -24.25 8.61 13.24
CA GLN B 12 -25.55 9.05 12.78
C GLN B 12 -25.22 10.51 12.44
N THR B 13 -25.68 10.98 11.31
CA THR B 13 -25.64 12.42 10.93
C THR B 13 -24.42 13.00 10.17
N SER B 14 -23.23 12.44 10.39
CA SER B 14 -22.08 12.79 9.54
C SER B 14 -22.09 11.95 8.26
N ARG B 15 -21.96 12.62 7.11
CA ARG B 15 -21.80 11.96 5.79
C ARG B 15 -20.43 12.32 5.24
N PRO B 16 -19.42 11.44 5.38
CA PRO B 16 -18.09 11.70 4.86
C PRO B 16 -17.98 12.07 3.38
N ASP B 17 -18.94 11.68 2.56
CA ASP B 17 -18.90 11.98 1.11
C ASP B 17 -19.81 13.15 0.69
N VAL B 18 -20.33 13.90 1.67
CA VAL B 18 -21.14 15.07 1.39
C VAL B 18 -20.61 16.33 2.08
N ILE B 19 -20.22 17.28 1.24
CA ILE B 19 -19.67 18.53 1.66
C ILE B 19 -20.71 19.20 2.58
N PRO B 20 -20.37 19.62 3.82
CA PRO B 20 -21.35 20.21 4.75
C PRO B 20 -21.68 21.70 4.49
N THR B 21 -22.19 22.02 3.30
CA THR B 21 -22.65 23.39 2.99
C THR B 21 -23.99 23.59 3.70
N GLN B 22 -24.20 24.79 4.22
CA GLN B 22 -25.44 25.14 4.93
C GLN B 22 -26.58 25.79 4.17
N ARG B 23 -26.32 26.67 3.20
CA ARG B 23 -27.36 27.36 2.38
C ARG B 23 -26.78 27.71 1.00
N ASP B 24 -26.07 26.75 0.38
CA ASP B 24 -25.27 27.00 -0.85
C ASP B 24 -24.14 28.06 -0.68
N ARG B 25 -23.89 28.46 0.57
CA ARG B 25 -22.71 29.26 0.97
C ARG B 25 -21.52 28.30 1.01
N PRO B 26 -20.31 28.75 0.62
CA PRO B 26 -19.16 27.86 0.56
C PRO B 26 -18.75 27.38 1.96
N VAL B 27 -18.03 26.27 2.07
CA VAL B 27 -17.45 25.85 3.33
C VAL B 27 -16.09 26.54 3.43
N ALA B 28 -15.94 27.33 4.50
CA ALA B 28 -14.74 28.10 4.74
C ALA B 28 -13.68 27.18 5.36
N VAL B 29 -12.62 26.90 4.60
CA VAL B 29 -11.54 26.07 5.05
C VAL B 29 -10.29 26.91 5.23
N SER B 30 -9.66 26.81 6.40
CA SER B 30 -8.36 27.47 6.62
C SER B 30 -7.26 26.41 6.63
N VAL B 31 -6.09 26.79 6.10
CA VAL B 31 -4.96 25.90 5.95
C VAL B 31 -3.70 26.67 6.35
N SER B 32 -2.85 26.03 7.15
CA SER B 32 -1.54 26.54 7.50
C SER B 32 -0.52 25.40 7.58
N LEU B 33 0.63 25.60 6.94
CA LEU B 33 1.71 24.68 6.93
C LEU B 33 2.73 25.06 8.04
N LYS B 34 3.08 24.09 8.90
CA LYS B 34 4.17 24.22 9.81
C LYS B 34 5.27 23.28 9.37
N PHE B 35 6.40 23.84 8.91
CA PHE B 35 7.49 23.02 8.37
C PHE B 35 8.34 22.43 9.47
N ILE B 36 8.58 21.12 9.36
CA ILE B 36 9.32 20.38 10.37
C ILE B 36 10.71 20.03 9.87
N ASN B 37 10.82 19.69 8.58
CA ASN B 37 12.08 19.30 7.99
C ASN B 37 12.08 19.40 6.47
N ILE B 38 13.28 19.56 5.91
CA ILE B 38 13.50 19.54 4.48
C ILE B 38 14.55 18.47 4.30
N LEU B 39 14.22 17.41 3.55
CA LEU B 39 14.96 16.15 3.63
C LEU B 39 15.87 15.86 2.47
N GLU B 40 15.48 16.15 1.23
CA GLU B 40 16.38 15.95 0.11
C GLU B 40 16.15 17.06 -0.86
N VAL B 41 17.15 17.93 -1.00
CA VAL B 41 17.14 18.91 -2.03
C VAL B 41 17.99 18.33 -3.12
N ASN B 42 17.40 18.14 -4.31
CA ASN B 42 18.11 17.71 -5.50
C ASN B 42 18.34 18.91 -6.41
N GLU B 43 19.57 19.44 -6.33
CA GLU B 43 20.07 20.58 -7.07
C GLU B 43 19.90 20.42 -8.58
N ILE B 44 20.10 19.18 -9.06
CA ILE B 44 20.07 18.84 -10.50
C ILE B 44 18.64 18.77 -11.05
N THR B 45 17.71 18.14 -10.32
CA THR B 45 16.34 17.92 -10.79
C THR B 45 15.24 18.84 -10.25
N ASN B 46 15.62 19.94 -9.59
CA ASN B 46 14.69 20.85 -8.92
C ASN B 46 13.55 20.19 -8.16
N GLU B 47 13.93 19.28 -7.24
CA GLU B 47 12.97 18.57 -6.43
C GLU B 47 13.32 18.62 -4.98
N VAL B 48 12.30 18.79 -4.15
CA VAL B 48 12.46 18.88 -2.72
C VAL B 48 11.48 17.94 -2.05
N ASP B 49 11.91 17.37 -0.91
CA ASP B 49 11.13 16.54 -0.02
C ASP B 49 10.97 17.29 1.28
N VAL B 50 9.73 17.50 1.71
CA VAL B 50 9.46 18.29 2.89
C VAL B 50 8.58 17.46 3.81
N VAL B 51 8.76 17.63 5.13
CA VAL B 51 7.82 17.22 6.14
C VAL B 51 7.20 18.47 6.75
N PHE B 52 5.87 18.48 6.84
CA PHE B 52 5.15 19.62 7.35
C PHE B 52 3.87 19.17 7.99
N TRP B 53 3.42 19.90 9.02
CA TRP B 53 2.09 19.68 9.58
C TRP B 53 1.14 20.53 8.79
N GLN B 54 0.09 19.90 8.25
CA GLN B 54 -0.91 20.62 7.49
C GLN B 54 -2.13 20.90 8.37
N GLN B 55 -2.13 22.06 9.03
CA GLN B 55 -3.24 22.43 9.89
C GLN B 55 -4.41 22.90 9.05
N THR B 56 -5.48 22.10 9.04
CA THR B 56 -6.66 22.39 8.27
C THR B 56 -7.87 22.44 9.20
N THR B 57 -8.63 23.54 9.12
CA THR B 57 -9.82 23.70 9.95
C THR B 57 -11.02 24.11 9.09
N TRP B 58 -12.23 23.75 9.56
CA TRP B 58 -13.50 24.10 8.93
C TRP B 58 -14.60 23.81 9.94
N SER B 59 -15.83 24.20 9.58
CA SER B 59 -17.02 24.01 10.39
C SER B 59 -17.94 23.01 9.71
N ASP B 60 -18.56 22.16 10.52
CA ASP B 60 -19.59 21.23 10.08
C ASP B 60 -20.58 21.11 11.22
N ARG B 61 -21.64 21.91 11.11
CA ARG B 61 -22.66 22.10 12.19
C ARG B 61 -23.46 20.81 12.36
N THR B 62 -23.40 19.86 11.40
CA THR B 62 -24.03 18.55 11.57
C THR B 62 -23.44 17.80 12.75
N LEU B 63 -22.15 18.03 13.04
CA LEU B 63 -21.43 17.35 14.11
C LEU B 63 -21.71 17.90 15.53
N ALA B 64 -22.32 19.09 15.62
CA ALA B 64 -22.42 19.81 16.90
C ALA B 64 -23.25 19.08 17.94
N TRP B 65 -22.91 19.25 19.22
CA TRP B 65 -23.72 18.72 20.32
C TRP B 65 -23.73 19.73 21.44
N ASN B 66 -24.65 19.51 22.38
CA ASN B 66 -24.81 20.29 23.58
C ASN B 66 -23.77 19.95 24.65
N SER B 67 -22.86 20.91 24.92
CA SER B 67 -21.70 20.65 25.75
C SER B 67 -21.87 20.89 27.25
N SER B 68 -23.13 20.99 27.71
CA SER B 68 -23.49 21.04 29.12
C SER B 68 -23.38 19.61 29.66
N HIS B 69 -22.81 19.47 30.85
CA HIS B 69 -22.51 18.18 31.45
C HIS B 69 -21.92 17.21 30.40
N SER B 70 -20.98 17.68 29.57
CA SER B 70 -20.43 16.92 28.45
C SER B 70 -19.04 17.40 28.04
N PRO B 71 -18.20 16.52 27.47
CA PRO B 71 -16.92 16.94 26.90
C PRO B 71 -17.09 17.99 25.79
N ASP B 72 -16.17 18.95 25.73
CA ASP B 72 -16.20 20.05 24.80
C ASP B 72 -15.64 19.66 23.45
N GLN B 73 -14.83 18.61 23.43
CA GLN B 73 -14.20 18.12 22.22
C GLN B 73 -14.09 16.59 22.21
N VAL B 74 -13.93 16.03 21.01
CA VAL B 74 -13.52 14.67 20.84
C VAL B 74 -12.55 14.50 19.67
N SER B 75 -11.81 13.39 19.72
CA SER B 75 -10.98 12.90 18.61
C SER B 75 -11.83 11.91 17.87
N VAL B 76 -11.95 12.08 16.55
CA VAL B 76 -12.80 11.21 15.73
C VAL B 76 -11.96 10.80 14.52
N PRO B 77 -11.98 9.52 14.09
CA PRO B 77 -11.22 9.11 12.92
C PRO B 77 -11.77 9.82 11.66
N ILE B 78 -10.89 10.28 10.78
CA ILE B 78 -11.33 10.99 9.59
C ILE B 78 -12.24 10.22 8.64
N SER B 79 -12.21 8.88 8.67
CA SER B 79 -13.15 8.09 7.86
C SER B 79 -14.63 8.23 8.30
N SER B 80 -14.86 8.77 9.50
CA SER B 80 -16.21 9.13 9.94
C SER B 80 -16.65 10.55 9.57
N LEU B 81 -15.74 11.38 9.06
CA LEU B 81 -16.04 12.78 8.77
C LEU B 81 -15.82 13.10 7.34
N TRP B 82 -16.52 14.13 6.87
CA TRP B 82 -16.13 14.84 5.68
C TRP B 82 -14.87 15.61 5.94
N VAL B 83 -13.91 15.52 5.01
CA VAL B 83 -12.68 16.25 5.06
C VAL B 83 -12.56 16.93 3.71
N PRO B 84 -12.04 18.17 3.64
CA PRO B 84 -11.86 18.82 2.35
C PRO B 84 -10.88 18.05 1.47
N ASP B 85 -11.16 17.96 0.16
CA ASP B 85 -10.33 17.30 -0.83
C ASP B 85 -9.18 18.22 -1.27
N LEU B 86 -8.39 18.71 -0.31
CA LEU B 86 -7.23 19.54 -0.61
C LEU B 86 -6.13 18.73 -1.30
N ALA B 87 -5.44 19.36 -2.25
CA ALA B 87 -4.29 18.80 -2.95
C ALA B 87 -3.27 19.88 -3.20
N ALA B 88 -2.00 19.49 -3.15
CA ALA B 88 -0.93 20.32 -3.60
C ALA B 88 -0.88 20.20 -5.10
N TYR B 89 -1.40 21.20 -5.79
CA TYR B 89 -1.47 21.27 -7.29
C TYR B 89 -0.09 20.96 -7.89
N ASN B 90 1.01 21.30 -7.24
CA ASN B 90 2.36 21.09 -7.79
C ASN B 90 3.16 19.96 -7.13
N ALA B 91 2.46 19.06 -6.43
CA ALA B 91 3.16 17.93 -5.81
C ALA B 91 3.44 16.92 -6.88
N ILE B 92 4.54 16.18 -6.71
CA ILE B 92 4.94 15.13 -7.61
C ILE B 92 4.98 13.79 -6.93
N SER B 93 4.40 13.72 -5.72
CA SER B 93 4.25 12.46 -5.03
C SER B 93 2.99 12.53 -4.23
N LYS B 94 2.45 11.36 -3.92
CA LYS B 94 1.30 11.19 -3.04
C LYS B 94 1.68 11.71 -1.67
N PRO B 95 0.80 12.45 -0.99
CA PRO B 95 1.12 12.89 0.37
C PRO B 95 1.18 11.66 1.26
N GLU B 96 2.29 11.45 1.95
CA GLU B 96 2.45 10.36 2.87
C GLU B 96 2.11 10.94 4.26
N VAL B 97 1.00 10.46 4.84
CA VAL B 97 0.57 10.85 6.18
C VAL B 97 1.31 10.02 7.21
N LEU B 98 2.08 10.68 8.07
CA LEU B 98 2.89 10.02 9.08
C LEU B 98 2.19 9.74 10.40
N THR B 99 1.07 10.42 10.65
CA THR B 99 0.45 10.51 11.97
C THR B 99 -0.92 9.81 12.01
N PRO B 100 -1.44 9.45 13.20
CA PRO B 100 -2.79 8.87 13.29
C PRO B 100 -3.86 9.74 12.60
N GLN B 101 -4.72 9.11 11.81
CA GLN B 101 -5.68 9.81 11.00
C GLN B 101 -6.92 10.15 11.77
N LEU B 102 -6.75 11.05 12.75
CA LEU B 102 -7.82 11.51 13.62
C LEU B 102 -7.94 13.00 13.46
N ALA B 103 -9.16 13.50 13.58
CA ALA B 103 -9.40 14.91 13.68
C ALA B 103 -10.01 15.22 15.02
N ARG B 104 -9.81 16.44 15.50
CA ARG B 104 -10.36 16.96 16.76
C ARG B 104 -11.62 17.75 16.46
N VAL B 105 -12.76 17.34 17.03
CA VAL B 105 -14.02 17.99 16.76
C VAL B 105 -14.49 18.65 18.02
N VAL B 106 -14.81 19.95 17.92
CA VAL B 106 -15.34 20.72 19.03
C VAL B 106 -16.89 20.72 19.01
N SER B 107 -17.52 20.92 20.18
CA SER B 107 -18.95 20.77 20.35
C SER B 107 -19.80 21.66 19.46
N ASP B 108 -19.21 22.78 18.99
CA ASP B 108 -19.88 23.70 18.07
C ASP B 108 -19.80 23.25 16.62
N GLY B 109 -19.05 22.18 16.36
CA GLY B 109 -18.89 21.63 15.03
C GLY B 109 -17.64 22.06 14.32
N GLU B 110 -16.74 22.75 15.04
CA GLU B 110 -15.45 23.11 14.45
C GLU B 110 -14.58 21.86 14.47
N VAL B 111 -13.88 21.63 13.36
CA VAL B 111 -13.05 20.46 13.16
C VAL B 111 -11.63 20.96 12.89
N LEU B 112 -10.66 20.35 13.58
CA LEU B 112 -9.24 20.52 13.26
C LEU B 112 -8.65 19.16 12.86
N TYR B 113 -8.02 19.11 11.69
CA TYR B 113 -7.28 17.94 11.16
C TYR B 113 -5.87 18.45 10.82
N MET B 114 -4.86 17.88 11.45
CA MET B 114 -3.48 18.33 11.27
C MET B 114 -2.59 17.10 11.12
N PRO B 115 -2.57 16.48 9.94
CA PRO B 115 -1.66 15.38 9.68
C PRO B 115 -0.24 15.92 9.53
N SER B 116 0.75 15.16 9.99
CA SER B 116 2.11 15.42 9.56
C SER B 116 2.26 14.68 8.20
N ILE B 117 2.74 15.44 7.22
CA ILE B 117 2.82 14.97 5.86
C ILE B 117 4.23 15.06 5.34
N ARG B 118 4.65 13.98 4.68
CA ARG B 118 5.88 13.98 3.86
C ARG B 118 5.47 13.94 2.38
N GLN B 119 6.03 14.84 1.59
CA GLN B 119 5.61 15.00 0.19
C GLN B 119 6.74 15.63 -0.60
N ARG B 120 6.79 15.27 -1.88
CA ARG B 120 7.84 15.74 -2.83
C ARG B 120 7.24 16.83 -3.74
N PHE B 121 8.02 17.86 -4.04
CA PHE B 121 7.59 18.97 -4.88
C PHE B 121 8.63 19.28 -5.88
N SER B 122 8.17 19.77 -7.04
CA SER B 122 9.06 20.37 -8.02
C SER B 122 9.09 21.83 -7.65
N CYS B 123 10.29 22.37 -7.37
CA CYS B 123 10.46 23.77 -7.04
C CYS B 123 11.91 24.20 -7.32
N ASP B 124 12.08 25.53 -7.41
CA ASP B 124 13.35 26.15 -7.78
C ASP B 124 14.34 26.07 -6.63
N VAL B 125 15.35 25.22 -6.78
CA VAL B 125 16.34 24.98 -5.73
C VAL B 125 17.69 25.58 -6.06
N SER B 126 17.74 26.45 -7.09
CA SER B 126 18.93 27.25 -7.36
C SER B 126 18.90 28.34 -6.28
N GLY B 127 20.08 28.55 -5.70
CA GLY B 127 20.27 29.58 -4.70
C GLY B 127 20.28 29.06 -3.28
N VAL B 128 19.98 27.78 -3.09
CA VAL B 128 19.88 27.15 -1.77
C VAL B 128 21.17 27.25 -0.95
N ASP B 129 22.30 27.29 -1.66
CA ASP B 129 23.61 27.44 -1.03
C ASP B 129 24.07 28.89 -0.88
N THR B 130 23.20 29.86 -1.23
CA THR B 130 23.48 31.28 -1.04
C THR B 130 22.82 31.80 0.24
N GLU B 131 23.13 33.05 0.58
CA GLU B 131 22.61 33.70 1.75
C GLU B 131 21.11 33.99 1.67
N SER B 132 20.62 34.38 0.50
CA SER B 132 19.19 34.66 0.28
C SER B 132 18.41 33.40 0.12
N GLY B 133 19.11 32.32 -0.26
CA GLY B 133 18.51 31.00 -0.31
C GLY B 133 17.56 30.80 -1.47
N ALA B 134 16.86 29.67 -1.44
CA ALA B 134 15.85 29.31 -2.42
C ALA B 134 14.43 29.42 -1.82
N THR B 135 13.44 29.42 -2.71
CA THR B 135 12.01 29.44 -2.34
C THR B 135 11.29 28.27 -2.99
N CYS B 136 10.70 27.41 -2.16
CA CYS B 136 9.78 26.42 -2.62
C CYS B 136 8.36 26.92 -2.41
N ARG B 137 7.58 26.99 -3.50
CA ARG B 137 6.14 27.38 -3.45
C ARG B 137 5.25 26.14 -3.47
N ILE B 138 4.37 25.99 -2.47
CA ILE B 138 3.44 24.91 -2.41
C ILE B 138 2.03 25.52 -2.53
N LYS B 139 1.30 25.07 -3.57
CA LYS B 139 0.00 25.61 -3.91
C LYS B 139 -1.02 24.59 -3.49
N ILE B 140 -1.84 24.93 -2.48
CA ILE B 140 -2.85 24.03 -1.94
C ILE B 140 -4.25 24.59 -2.06
N GLY B 141 -5.17 23.78 -2.61
CA GLY B 141 -6.61 24.04 -2.62
C GLY B 141 -7.39 22.79 -3.02
N SER B 142 -8.72 22.91 -3.02
CA SER B 142 -9.65 21.85 -3.28
C SER B 142 -9.45 21.35 -4.69
N TRP B 143 -9.50 20.02 -4.84
CA TRP B 143 -9.31 19.44 -6.13
C TRP B 143 -10.61 19.56 -6.95
N THR B 144 -11.78 19.45 -6.30
CA THR B 144 -13.04 19.42 -7.09
C THR B 144 -14.06 20.48 -6.78
N HIS B 145 -13.83 21.27 -5.71
CA HIS B 145 -14.79 22.27 -5.31
C HIS B 145 -14.29 23.66 -5.66
N HIS B 146 -15.05 24.37 -6.50
CA HIS B 146 -14.75 25.73 -6.84
C HIS B 146 -15.20 26.69 -5.70
N SER B 147 -15.01 28.00 -5.91
CA SER B 147 -15.10 29.00 -4.87
C SER B 147 -16.48 29.21 -4.21
N ARG B 148 -17.57 28.78 -4.87
CA ARG B 148 -18.94 28.82 -4.29
C ARG B 148 -19.19 27.60 -3.41
N GLU B 149 -18.35 26.59 -3.47
CA GLU B 149 -18.49 25.39 -2.62
C GLU B 149 -17.43 25.31 -1.51
N ILE B 150 -16.19 25.67 -1.84
CA ILE B 150 -15.09 25.76 -0.84
C ILE B 150 -14.29 27.03 -1.02
N SER B 151 -14.07 27.72 0.11
CA SER B 151 -13.13 28.83 0.14
C SER B 151 -11.95 28.37 0.99
N VAL B 152 -10.76 28.85 0.63
CA VAL B 152 -9.54 28.52 1.34
C VAL B 152 -8.80 29.78 1.73
N ASP B 153 -8.49 29.88 3.03
CA ASP B 153 -7.73 31.00 3.58
C ASP B 153 -6.52 30.61 4.42
N PRO B 154 -5.45 31.44 4.41
CA PRO B 154 -4.31 31.25 5.29
C PRO B 154 -4.79 31.57 6.71
N THR B 155 -4.01 31.21 7.71
CA THR B 155 -4.30 31.42 9.10
C THR B 155 -3.68 32.80 9.39
N THR B 156 -4.07 33.42 10.51
CA THR B 156 -3.64 34.78 10.85
C THR B 156 -2.22 34.82 11.47
N GLU B 157 -1.61 33.64 11.64
CA GLU B 157 -0.45 33.44 12.51
C GLU B 157 0.82 33.14 11.72
N ASN B 158 1.35 34.20 11.08
CA ASN B 158 2.79 34.30 10.77
C ASN B 158 3.45 35.15 11.88
N SER B 159 3.12 34.77 13.13
CA SER B 159 3.68 35.31 14.36
C SER B 159 4.69 34.32 14.96
N ASP B 160 4.91 33.20 14.25
CA ASP B 160 5.83 32.13 14.63
C ASP B 160 7.12 32.19 13.79
N ASP B 161 7.83 31.06 13.70
CA ASP B 161 8.88 30.83 12.70
C ASP B 161 9.39 29.41 12.78
N SER B 162 10.61 29.19 13.26
CA SER B 162 11.38 27.95 13.10
C SER B 162 11.48 27.13 14.38
N GLU B 163 10.65 27.43 15.39
CA GLU B 163 10.56 26.60 16.61
C GLU B 163 10.19 25.14 16.33
N TYR B 164 9.48 24.95 15.22
CA TYR B 164 8.87 23.70 14.73
C TYR B 164 9.91 22.93 13.88
N PHE B 165 10.83 23.69 13.28
CA PHE B 165 11.79 23.16 12.37
C PHE B 165 12.95 22.46 13.07
N SER B 166 13.29 21.28 12.57
CA SER B 166 14.29 20.41 13.19
C SER B 166 15.66 21.09 13.20
N GLN B 167 16.21 21.23 14.41
CA GLN B 167 17.60 21.60 14.60
C GLN B 167 18.59 20.71 13.84
N TYR B 168 18.17 19.53 13.36
CA TYR B 168 19.10 18.52 12.80
C TYR B 168 19.14 18.54 11.28
N SER B 169 18.19 19.20 10.63
CA SER B 169 18.22 19.40 9.18
C SER B 169 19.49 20.11 8.72
N ARG B 170 19.96 19.72 7.53
CA ARG B 170 21.04 20.39 6.76
C ARG B 170 20.60 21.82 6.39
N PHE B 171 19.28 22.09 6.37
CA PHE B 171 18.72 23.36 5.99
C PHE B 171 18.17 24.14 7.17
N GLU B 172 17.95 25.46 6.93
CA GLU B 172 17.24 26.33 7.87
C GLU B 172 16.19 27.16 7.13
N ILE B 173 15.08 27.47 7.83
CA ILE B 173 14.04 28.28 7.27
C ILE B 173 14.33 29.76 7.51
N LEU B 174 14.35 30.52 6.42
CA LEU B 174 14.52 31.96 6.47
C LEU B 174 13.18 32.61 6.67
N ASP B 175 12.16 32.16 5.96
CA ASP B 175 10.86 32.78 6.00
C ASP B 175 9.79 31.89 5.41
N VAL B 176 8.57 32.04 5.92
CA VAL B 176 7.36 31.46 5.32
C VAL B 176 6.30 32.54 5.13
N THR B 177 5.83 32.67 3.88
CA THR B 177 4.75 33.59 3.55
C THR B 177 3.62 32.81 2.90
N GLN B 178 2.38 33.29 3.10
CA GLN B 178 1.16 32.70 2.66
C GLN B 178 0.37 33.74 1.86
N LYS B 179 0.09 33.42 0.59
CA LYS B 179 -0.80 34.23 -0.23
C LYS B 179 -2.03 33.41 -0.61
N LYS B 180 -3.21 34.03 -0.60
CA LYS B 180 -4.43 33.43 -1.09
C LYS B 180 -4.64 33.84 -2.54
N ASN B 181 -5.13 32.90 -3.34
CA ASN B 181 -5.49 33.11 -4.73
C ASN B 181 -6.82 32.46 -5.06
N SER B 182 -7.38 32.86 -6.21
CA SER B 182 -8.40 32.10 -6.89
C SER B 182 -8.14 32.14 -8.36
N VAL B 183 -7.96 30.95 -8.96
CA VAL B 183 -7.53 30.81 -10.33
C VAL B 183 -8.65 30.15 -11.13
N THR B 184 -8.75 30.53 -12.40
CA THR B 184 -9.70 29.98 -13.35
C THR B 184 -8.93 29.28 -14.47
N TYR B 185 -9.27 28.01 -14.73
CA TYR B 185 -8.59 27.16 -15.74
C TYR B 185 -9.41 27.10 -17.03
N SER B 186 -8.78 26.68 -18.13
CA SER B 186 -9.50 26.46 -19.41
C SER B 186 -10.49 25.28 -19.35
N CYS B 187 -10.21 24.30 -18.48
CA CYS B 187 -11.08 23.13 -18.27
C CYS B 187 -12.47 23.48 -17.71
N CYS B 188 -12.49 24.49 -16.82
CA CYS B 188 -13.51 24.62 -15.78
C CYS B 188 -13.89 26.09 -15.59
N PRO B 189 -15.15 26.52 -15.89
CA PRO B 189 -15.45 27.96 -16.04
C PRO B 189 -15.47 28.77 -14.73
N GLU B 190 -15.53 28.10 -13.58
CA GLU B 190 -15.46 28.73 -12.27
C GLU B 190 -14.02 28.73 -11.73
N ALA B 191 -13.83 29.47 -10.63
CA ALA B 191 -12.55 29.70 -9.98
C ALA B 191 -12.33 28.76 -8.81
N TYR B 192 -11.09 28.33 -8.63
CA TYR B 192 -10.66 27.43 -7.53
C TYR B 192 -9.74 28.23 -6.62
N GLU B 193 -10.07 28.26 -5.33
CA GLU B 193 -9.30 28.98 -4.35
C GLU B 193 -8.14 28.14 -3.91
N ASP B 194 -6.99 28.79 -3.71
CA ASP B 194 -5.81 28.10 -3.19
C ASP B 194 -5.08 29.03 -2.26
N VAL B 195 -4.26 28.41 -1.41
CA VAL B 195 -3.24 29.10 -0.66
C VAL B 195 -1.91 28.74 -1.27
N GLU B 196 -1.10 29.74 -1.59
CA GLU B 196 0.29 29.53 -1.98
C GLU B 196 1.16 29.84 -0.81
N VAL B 197 1.94 28.84 -0.41
CA VAL B 197 2.83 28.93 0.72
C VAL B 197 4.24 28.97 0.14
N SER B 198 5.02 29.97 0.56
CA SER B 198 6.38 30.15 0.08
C SER B 198 7.36 29.87 1.21
N LEU B 199 8.24 28.90 0.96
CA LEU B 199 9.19 28.43 1.94
C LEU B 199 10.53 28.88 1.46
N ASN B 200 11.10 29.85 2.19
CA ASN B 200 12.37 30.40 1.83
C ASN B 200 13.33 29.70 2.79
N PHE B 201 14.33 29.00 2.23
CA PHE B 201 15.27 28.21 3.03
C PHE B 201 16.64 28.19 2.38
N ARG B 202 17.65 27.78 3.15
CA ARG B 202 19.03 27.64 2.63
C ARG B 202 19.81 26.57 3.42
N LYS B 203 20.88 26.05 2.78
CA LYS B 203 21.83 25.11 3.39
C LYS B 203 22.45 25.81 4.57
N LYS B 204 22.68 25.10 5.68
CA LYS B 204 23.37 25.68 6.84
C LYS B 204 24.82 25.98 6.54
N GLY B 205 25.33 27.05 7.17
CA GLY B 205 26.69 27.54 6.94
C GLY B 205 26.84 28.34 5.64
N LEU C 1 -32.02 -9.46 -22.10
CA LEU C 1 -31.21 -9.12 -20.87
C LEU C 1 -30.26 -8.01 -21.24
N ASP C 2 -30.23 -6.95 -20.42
CA ASP C 2 -29.20 -5.89 -20.55
C ASP C 2 -27.97 -6.25 -19.70
N ARG C 3 -26.90 -5.45 -19.85
CA ARG C 3 -25.61 -5.65 -19.14
C ARG C 3 -25.84 -5.62 -17.63
N ALA C 4 -26.75 -4.77 -17.14
CA ALA C 4 -27.02 -4.68 -15.72
C ALA C 4 -27.49 -6.04 -15.17
N ASP C 5 -28.48 -6.65 -15.86
CA ASP C 5 -29.01 -7.97 -15.54
C ASP C 5 -27.95 -9.04 -15.65
N ILE C 6 -27.15 -8.98 -16.71
CA ILE C 6 -26.09 -9.96 -16.87
C ILE C 6 -25.14 -9.91 -15.64
N LEU C 7 -24.66 -8.71 -15.27
CA LEU C 7 -23.74 -8.56 -14.16
C LEU C 7 -24.40 -9.01 -12.86
N TYR C 8 -25.65 -8.57 -12.65
CA TYR C 8 -26.46 -8.95 -11.46
C TYR C 8 -26.46 -10.48 -11.34
N ASN C 9 -26.82 -11.17 -12.43
CA ASN C 9 -26.85 -12.62 -12.47
C ASN C 9 -25.52 -13.29 -12.26
N ILE C 10 -24.44 -12.64 -12.68
CA ILE C 10 -23.10 -13.17 -12.43
C ILE C 10 -22.79 -13.12 -10.93
N ARG C 11 -23.12 -12.00 -10.26
CA ARG C 11 -22.92 -11.82 -8.80
C ARG C 11 -23.73 -12.86 -8.01
N GLN C 12 -25.01 -13.01 -8.32
CA GLN C 12 -25.78 -14.16 -7.83
C GLN C 12 -25.25 -15.63 -7.90
N THR C 13 -24.64 -16.05 -9.02
CA THR C 13 -24.27 -17.46 -9.24
C THR C 13 -22.74 -17.75 -9.15
N SER C 14 -21.94 -16.69 -9.25
CA SER C 14 -20.49 -16.80 -9.21
C SER C 14 -19.99 -16.85 -7.78
N ARG C 15 -19.11 -17.81 -7.53
CA ARG C 15 -18.37 -17.95 -6.24
C ARG C 15 -16.88 -17.75 -6.50
N PRO C 16 -16.35 -16.52 -6.27
CA PRO C 16 -14.92 -16.26 -6.47
C PRO C 16 -13.95 -17.19 -5.71
N ASP C 17 -14.41 -17.82 -4.62
CA ASP C 17 -13.60 -18.69 -3.80
C ASP C 17 -13.84 -20.18 -4.05
N VAL C 18 -14.54 -20.53 -5.14
CA VAL C 18 -14.74 -21.91 -5.56
C VAL C 18 -14.34 -22.14 -7.01
N ILE C 19 -13.32 -22.99 -7.18
CA ILE C 19 -12.81 -23.39 -8.46
C ILE C 19 -13.97 -24.00 -9.24
N PRO C 20 -14.28 -23.54 -10.47
CA PRO C 20 -15.46 -24.04 -11.21
C PRO C 20 -15.24 -25.38 -11.93
N THR C 21 -14.95 -26.45 -11.17
CA THR C 21 -14.76 -27.78 -11.69
C THR C 21 -16.13 -28.33 -12.04
N GLN C 22 -16.18 -29.04 -13.17
CA GLN C 22 -17.38 -29.74 -13.64
C GLN C 22 -17.12 -31.20 -13.32
N ARG C 23 -17.87 -31.77 -12.35
CA ARG C 23 -17.76 -33.16 -11.85
C ARG C 23 -16.29 -33.59 -11.70
N ASP C 24 -15.48 -32.82 -10.97
CA ASP C 24 -14.11 -33.24 -10.60
C ASP C 24 -13.12 -33.45 -11.78
N ARG C 25 -13.51 -32.94 -12.94
CA ARG C 25 -12.60 -32.74 -14.11
C ARG C 25 -11.74 -31.52 -13.78
N PRO C 26 -10.45 -31.47 -14.18
CA PRO C 26 -9.65 -30.28 -13.97
C PRO C 26 -10.19 -29.09 -14.77
N VAL C 27 -9.92 -27.85 -14.35
CA VAL C 27 -10.29 -26.68 -15.11
C VAL C 27 -9.12 -26.42 -16.03
N ALA C 28 -9.42 -26.40 -17.34
CA ALA C 28 -8.42 -26.20 -18.38
C ALA C 28 -8.16 -24.72 -18.50
N VAL C 29 -6.96 -24.31 -18.08
CA VAL C 29 -6.52 -22.94 -18.18
C VAL C 29 -5.47 -22.81 -19.26
N SER C 30 -5.64 -21.87 -20.18
CA SER C 30 -4.62 -21.55 -21.15
C SER C 30 -3.96 -20.23 -20.76
N VAL C 31 -2.65 -20.16 -20.99
CA VAL C 31 -1.84 -19.04 -20.58
C VAL C 31 -0.84 -18.76 -21.68
N SER C 32 -0.65 -17.47 -21.98
CA SER C 32 0.32 -17.02 -22.96
C SER C 32 0.88 -15.67 -22.56
N LEU C 33 2.21 -15.56 -22.58
CA LEU C 33 2.86 -14.28 -22.28
C LEU C 33 3.17 -13.53 -23.60
N LYS C 34 2.76 -12.27 -23.68
CA LYS C 34 3.13 -11.39 -24.72
C LYS C 34 4.07 -10.34 -24.14
N PHE C 35 5.33 -10.36 -24.57
CA PHE C 35 6.35 -9.47 -24.04
C PHE C 35 6.27 -8.07 -24.60
N ILE C 36 6.28 -7.07 -23.70
CA ILE C 36 6.17 -5.67 -24.07
C ILE C 36 7.50 -4.96 -23.93
N ASN C 37 8.27 -5.33 -22.90
CA ASN C 37 9.56 -4.70 -22.63
C ASN C 37 10.45 -5.51 -21.74
N ILE C 38 11.75 -5.28 -21.88
CA ILE C 38 12.76 -5.83 -20.97
C ILE C 38 13.47 -4.60 -20.46
N LEU C 39 13.43 -4.36 -19.15
CA LEU C 39 13.76 -3.05 -18.59
C LEU C 39 15.08 -2.91 -17.92
N GLU C 40 15.49 -3.87 -17.10
CA GLU C 40 16.77 -3.70 -16.39
C GLU C 40 17.46 -5.00 -16.33
N VAL C 41 18.47 -5.17 -17.18
CA VAL C 41 19.22 -6.38 -17.21
C VAL C 41 20.46 -6.06 -16.40
N ASN C 42 20.65 -6.81 -15.31
CA ASN C 42 21.74 -6.55 -14.38
C ASN C 42 22.76 -7.67 -14.56
N GLU C 43 23.84 -7.34 -15.29
CA GLU C 43 24.90 -8.27 -15.62
C GLU C 43 25.60 -8.80 -14.36
N ILE C 44 25.66 -7.99 -13.29
CA ILE C 44 26.31 -8.38 -12.01
C ILE C 44 25.47 -9.37 -11.18
N THR C 45 24.16 -9.14 -11.08
CA THR C 45 23.28 -9.97 -10.23
C THR C 45 22.42 -11.02 -10.90
N ASN C 46 22.66 -11.32 -12.19
CA ASN C 46 21.78 -12.12 -13.01
C ASN C 46 20.29 -11.95 -12.79
N GLU C 47 19.82 -10.72 -12.96
CA GLU C 47 18.41 -10.40 -12.81
C GLU C 47 17.87 -9.60 -13.96
N VAL C 48 16.62 -9.86 -14.34
CA VAL C 48 15.96 -9.08 -15.35
C VAL C 48 14.57 -8.70 -14.92
N ASP C 49 14.11 -7.55 -15.41
CA ASP C 49 12.79 -7.00 -15.20
C ASP C 49 12.05 -7.02 -16.53
N VAL C 50 10.89 -7.68 -16.57
CA VAL C 50 10.12 -7.76 -17.80
C VAL C 50 8.73 -7.21 -17.59
N VAL C 51 8.17 -6.62 -18.65
CA VAL C 51 6.73 -6.31 -18.75
C VAL C 51 6.13 -7.25 -19.78
N PHE C 52 5.00 -7.89 -19.42
CA PHE C 52 4.31 -8.76 -20.32
C PHE C 52 2.82 -8.73 -20.08
N TRP C 53 2.03 -8.95 -21.15
CA TRP C 53 0.59 -9.16 -21.00
C TRP C 53 0.41 -10.66 -20.78
N GLN C 54 -0.26 -11.02 -19.68
CA GLN C 54 -0.53 -12.43 -19.38
C GLN C 54 -1.92 -12.88 -19.82
N GLN C 55 -2.00 -13.38 -21.05
CA GLN C 55 -3.28 -13.78 -21.63
C GLN C 55 -3.72 -15.13 -21.03
N THR C 56 -4.78 -15.11 -20.22
CA THR C 56 -5.25 -16.26 -19.54
C THR C 56 -6.74 -16.50 -19.84
N THR C 57 -7.09 -17.71 -20.25
CA THR C 57 -8.50 -18.08 -20.47
C THR C 57 -8.86 -19.41 -19.79
N TRP C 58 -10.16 -19.56 -19.48
CA TRP C 58 -10.76 -20.77 -18.88
C TRP C 58 -12.28 -20.61 -19.01
N SER C 59 -13.03 -21.65 -18.63
CA SER C 59 -14.49 -21.67 -18.71
C SER C 59 -15.07 -21.79 -17.33
N ASP C 60 -16.21 -21.14 -17.11
CA ASP C 60 -17.07 -21.34 -15.94
C ASP C 60 -18.51 -21.27 -16.41
N ARG C 61 -19.07 -22.45 -16.71
CA ARG C 61 -20.41 -22.57 -17.34
C ARG C 61 -21.51 -22.12 -16.39
N THR C 62 -21.21 -21.96 -15.09
CA THR C 62 -22.18 -21.40 -14.15
C THR C 62 -22.57 -19.95 -14.55
N LEU C 63 -21.63 -19.22 -15.16
CA LEU C 63 -21.82 -17.84 -15.57
C LEU C 63 -22.60 -17.63 -16.88
N ALA C 64 -22.81 -18.70 -17.65
CA ALA C 64 -23.39 -18.56 -18.99
C ALA C 64 -24.83 -17.99 -18.98
N TRP C 65 -25.19 -17.26 -20.04
CA TRP C 65 -26.53 -16.74 -20.18
C TRP C 65 -26.94 -16.84 -21.63
N ASN C 66 -28.25 -16.67 -21.83
CA ASN C 66 -28.89 -16.70 -23.12
C ASN C 66 -28.65 -15.42 -23.91
N SER C 67 -27.89 -15.57 -24.99
CA SER C 67 -27.28 -14.46 -25.69
C SER C 67 -28.10 -13.93 -26.84
N SER C 68 -29.34 -14.43 -26.96
CA SER C 68 -30.30 -13.98 -27.99
C SER C 68 -30.87 -12.69 -27.47
N HIS C 69 -30.97 -11.69 -28.35
CA HIS C 69 -31.41 -10.34 -27.98
C HIS C 69 -30.76 -9.88 -26.67
N SER C 70 -29.44 -10.11 -26.57
CA SER C 70 -28.61 -9.78 -25.42
C SER C 70 -27.15 -9.60 -25.84
N PRO C 71 -26.35 -8.83 -25.07
CA PRO C 71 -24.91 -8.76 -25.29
C PRO C 71 -24.23 -10.14 -25.17
N ASP C 72 -23.23 -10.38 -26.00
CA ASP C 72 -22.52 -11.66 -26.05
C ASP C 72 -21.39 -11.68 -25.04
N GLN C 73 -20.95 -10.52 -24.56
CA GLN C 73 -19.87 -10.40 -23.62
C GLN C 73 -20.02 -9.22 -22.65
N VAL C 74 -19.33 -9.31 -21.52
CA VAL C 74 -19.32 -8.28 -20.53
C VAL C 74 -17.97 -8.24 -19.83
N SER C 75 -17.60 -7.04 -19.36
CA SER C 75 -16.39 -6.77 -18.56
C SER C 75 -16.85 -6.83 -17.12
N VAL C 76 -16.16 -7.63 -16.30
CA VAL C 76 -16.59 -7.85 -14.94
C VAL C 76 -15.33 -7.70 -14.09
N PRO C 77 -15.38 -7.02 -12.92
CA PRO C 77 -14.21 -6.91 -12.05
C PRO C 77 -13.80 -8.29 -11.51
N ILE C 78 -12.49 -8.61 -11.54
CA ILE C 78 -12.06 -9.95 -11.14
C ILE C 78 -12.46 -10.40 -9.73
N SER C 79 -12.70 -9.46 -8.81
CA SER C 79 -13.17 -9.82 -7.46
C SER C 79 -14.60 -10.41 -7.44
N SER C 80 -15.33 -10.29 -8.53
CA SER C 80 -16.62 -11.00 -8.70
C SER C 80 -16.52 -12.39 -9.30
N LEU C 81 -15.36 -12.77 -9.80
CA LEU C 81 -15.15 -14.06 -10.45
C LEU C 81 -14.08 -14.86 -9.71
N TRP C 82 -14.11 -16.16 -9.89
CA TRP C 82 -13.01 -17.01 -9.66
C TRP C 82 -11.98 -16.78 -10.75
N VAL C 83 -10.73 -16.66 -10.34
CA VAL C 83 -9.60 -16.48 -11.22
C VAL C 83 -8.60 -17.56 -10.79
N PRO C 84 -7.87 -18.17 -11.73
CA PRO C 84 -6.83 -19.11 -11.35
C PRO C 84 -5.73 -18.41 -10.52
N ASP C 85 -5.19 -19.12 -9.52
CA ASP C 85 -4.09 -18.64 -8.68
C ASP C 85 -2.75 -18.90 -9.41
N LEU C 86 -2.60 -18.36 -10.62
CA LEU C 86 -1.32 -18.47 -11.34
C LEU C 86 -0.20 -17.66 -10.66
N ALA C 87 1.01 -18.21 -10.67
CA ALA C 87 2.23 -17.58 -10.14
C ALA C 87 3.43 -17.97 -10.96
N ALA C 88 4.37 -17.05 -11.09
CA ALA C 88 5.66 -17.36 -11.64
C ALA C 88 6.46 -17.96 -10.52
N TYR C 89 6.57 -19.30 -10.53
CA TYR C 89 7.24 -20.09 -9.47
C TYR C 89 8.63 -19.52 -9.19
N ASN C 90 9.33 -18.99 -10.19
CA ASN C 90 10.71 -18.55 -10.01
C ASN C 90 10.88 -17.04 -10.00
N ALA C 91 9.79 -16.30 -9.72
CA ALA C 91 9.90 -14.85 -9.67
C ALA C 91 10.58 -14.47 -8.39
N ILE C 92 11.26 -13.32 -8.41
CA ILE C 92 11.91 -12.77 -7.24
C ILE C 92 11.30 -11.45 -6.83
N SER C 93 10.15 -11.11 -7.42
CA SER C 93 9.43 -9.93 -6.99
C SER C 93 7.98 -10.18 -7.13
N LYS C 94 7.19 -9.44 -6.35
CA LYS C 94 5.74 -9.50 -6.40
C LYS C 94 5.32 -8.99 -7.78
N PRO C 95 4.35 -9.63 -8.42
CA PRO C 95 3.90 -9.16 -9.72
C PRO C 95 3.21 -7.81 -9.53
N GLU C 96 3.66 -6.79 -10.26
CA GLU C 96 3.01 -5.50 -10.30
C GLU C 96 2.03 -5.54 -11.52
N VAL C 97 0.73 -5.51 -11.23
CA VAL C 97 -0.34 -5.42 -12.20
C VAL C 97 -0.54 -3.97 -12.57
N LEU C 98 -0.32 -3.63 -13.84
CA LEU C 98 -0.37 -2.25 -14.33
C LEU C 98 -1.77 -1.77 -14.75
N THR C 99 -2.68 -2.71 -15.00
CA THR C 99 -3.90 -2.44 -15.75
C THR C 99 -5.15 -2.63 -14.89
N PRO C 100 -6.30 -2.07 -15.31
CA PRO C 100 -7.56 -2.28 -14.58
C PRO C 100 -7.89 -3.77 -14.41
N GLN C 101 -8.31 -4.12 -13.20
CA GLN C 101 -8.51 -5.51 -12.84
C GLN C 101 -9.88 -5.98 -13.26
N LEU C 102 -10.10 -6.06 -14.58
CA LEU C 102 -11.35 -6.51 -15.18
C LEU C 102 -11.07 -7.68 -16.05
N ALA C 103 -12.02 -8.61 -16.14
CA ALA C 103 -11.94 -9.73 -17.07
C ALA C 103 -13.14 -9.63 -17.99
N ARG C 104 -13.04 -10.24 -19.18
CA ARG C 104 -14.15 -10.38 -20.16
C ARG C 104 -14.85 -11.73 -19.91
N VAL C 105 -16.16 -11.71 -19.70
CA VAL C 105 -16.93 -12.93 -19.67
C VAL C 105 -17.81 -13.00 -20.91
N VAL C 106 -17.74 -14.14 -21.61
CA VAL C 106 -18.58 -14.42 -22.79
C VAL C 106 -19.82 -15.22 -22.38
N SER C 107 -20.90 -15.11 -23.16
CA SER C 107 -22.21 -15.67 -22.83
C SER C 107 -22.20 -17.19 -22.66
N ASP C 108 -21.21 -17.87 -23.25
CA ASP C 108 -21.01 -19.30 -23.06
C ASP C 108 -20.30 -19.67 -21.77
N GLY C 109 -19.81 -18.66 -21.04
CA GLY C 109 -19.15 -18.87 -19.78
C GLY C 109 -17.62 -18.79 -19.87
N GLU C 110 -17.10 -18.50 -21.07
CA GLU C 110 -15.66 -18.41 -21.21
C GLU C 110 -15.23 -17.04 -20.65
N VAL C 111 -14.11 -17.06 -19.92
CA VAL C 111 -13.55 -15.90 -19.26
C VAL C 111 -12.16 -15.65 -19.82
N LEU C 112 -11.89 -14.40 -20.18
CA LEU C 112 -10.57 -13.95 -20.64
C LEU C 112 -10.09 -12.86 -19.69
N TYR C 113 -8.90 -13.04 -19.12
CA TYR C 113 -8.20 -12.09 -18.21
C TYR C 113 -6.80 -11.86 -18.76
N MET C 114 -6.42 -10.63 -19.10
CA MET C 114 -5.12 -10.32 -19.63
C MET C 114 -4.53 -9.09 -18.96
N PRO C 115 -4.03 -9.22 -17.70
CA PRO C 115 -3.37 -8.11 -17.02
C PRO C 115 -1.99 -7.83 -17.65
N SER C 116 -1.61 -6.56 -17.73
CA SER C 116 -0.22 -6.22 -17.99
C SER C 116 0.53 -6.31 -16.65
N ILE C 117 1.64 -7.03 -16.67
CA ILE C 117 2.39 -7.35 -15.47
C ILE C 117 3.83 -7.00 -15.63
N ARG C 118 4.38 -6.34 -14.60
CA ARG C 118 5.83 -6.11 -14.47
C ARG C 118 6.35 -6.97 -13.33
N GLN C 119 7.45 -7.68 -13.57
CA GLN C 119 7.99 -8.62 -12.60
C GLN C 119 9.46 -8.89 -12.85
N ARG C 120 10.19 -9.22 -11.79
CA ARG C 120 11.65 -9.46 -11.80
C ARG C 120 11.93 -10.98 -11.73
N PHE C 121 12.94 -11.45 -12.47
CA PHE C 121 13.30 -12.85 -12.48
C PHE C 121 14.80 -12.97 -12.43
N SER C 122 15.27 -14.13 -11.96
CA SER C 122 16.66 -14.49 -12.01
C SER C 122 16.86 -15.20 -13.34
N CYS C 123 17.83 -14.72 -14.14
CA CYS C 123 18.10 -15.25 -15.48
C CYS C 123 19.62 -15.12 -15.75
N ASP C 124 20.23 -16.09 -16.46
CA ASP C 124 21.66 -15.98 -16.87
C ASP C 124 21.78 -14.98 -18.02
N VAL C 125 22.35 -13.82 -17.73
CA VAL C 125 22.44 -12.71 -18.65
C VAL C 125 23.87 -12.45 -19.09
N SER C 126 24.72 -13.47 -18.98
CA SER C 126 26.13 -13.35 -19.41
C SER C 126 26.29 -13.22 -20.93
N GLY C 127 25.35 -13.78 -21.70
CA GLY C 127 25.42 -13.78 -23.15
C GLY C 127 24.61 -12.71 -23.84
N VAL C 128 24.02 -11.81 -23.06
CA VAL C 128 23.07 -10.80 -23.55
C VAL C 128 23.70 -9.86 -24.57
N ASP C 129 25.02 -9.66 -24.46
CA ASP C 129 25.79 -8.85 -25.40
C ASP C 129 26.37 -9.63 -26.56
N THR C 130 26.05 -10.93 -26.67
CA THR C 130 26.52 -11.75 -27.78
C THR C 130 25.41 -11.88 -28.84
N GLU C 131 25.75 -12.52 -29.97
CA GLU C 131 24.84 -12.69 -31.08
C GLU C 131 23.70 -13.66 -30.77
N SER C 132 24.01 -14.74 -30.04
CA SER C 132 23.05 -15.77 -29.63
C SER C 132 22.21 -15.30 -28.48
N GLY C 133 22.73 -14.31 -27.73
CA GLY C 133 21.99 -13.66 -26.66
C GLY C 133 21.83 -14.52 -25.44
N ALA C 134 21.01 -14.03 -24.51
CA ALA C 134 20.64 -14.74 -23.28
C ALA C 134 19.19 -15.22 -23.32
N THR C 135 18.84 -16.08 -22.37
CA THR C 135 17.52 -16.67 -22.24
C THR C 135 16.99 -16.53 -20.81
N CYS C 136 15.86 -15.84 -20.66
CA CYS C 136 15.15 -15.78 -19.42
C CYS C 136 14.00 -16.78 -19.43
N ARG C 137 13.98 -17.71 -18.47
CA ARG C 137 12.95 -18.76 -18.33
C ARG C 137 11.96 -18.39 -17.23
N ILE C 138 10.67 -18.33 -17.58
CA ILE C 138 9.62 -18.05 -16.63
C ILE C 138 8.73 -19.27 -16.56
N LYS C 139 8.57 -19.82 -15.35
CA LYS C 139 7.69 -20.96 -15.10
C LYS C 139 6.40 -20.43 -14.49
N ILE C 140 5.28 -20.57 -15.21
CA ILE C 140 3.97 -20.16 -14.71
C ILE C 140 3.03 -21.35 -14.57
N GLY C 141 2.45 -21.49 -13.36
CA GLY C 141 1.38 -22.42 -13.06
C GLY C 141 0.59 -22.04 -11.81
N SER C 142 -0.40 -22.85 -11.47
CA SER C 142 -1.22 -22.70 -10.28
C SER C 142 -0.36 -22.85 -9.05
N TRP C 143 -0.58 -22.00 -8.06
CA TRP C 143 0.16 -22.08 -6.84
C TRP C 143 -0.37 -23.22 -5.98
N THR C 144 -1.68 -23.47 -5.97
CA THR C 144 -2.25 -24.44 -5.01
C THR C 144 -3.06 -25.59 -5.61
N HIS C 145 -3.30 -25.55 -6.92
CA HIS C 145 -4.12 -26.56 -7.59
C HIS C 145 -3.24 -27.45 -8.44
N HIS C 146 -3.23 -28.75 -8.11
CA HIS C 146 -2.43 -29.71 -8.86
C HIS C 146 -3.18 -30.11 -10.13
N SER C 147 -2.59 -31.04 -10.91
CA SER C 147 -3.06 -31.35 -12.24
C SER C 147 -4.49 -31.93 -12.41
N ARG C 148 -5.05 -32.50 -11.34
CA ARG C 148 -6.45 -33.01 -11.34
C ARG C 148 -7.45 -31.88 -11.06
N GLU C 149 -6.97 -30.70 -10.66
CA GLU C 149 -7.85 -29.56 -10.38
C GLU C 149 -7.69 -28.45 -11.41
N ILE C 150 -6.45 -28.20 -11.84
CA ILE C 150 -6.12 -27.22 -12.88
C ILE C 150 -5.09 -27.79 -13.83
N SER C 151 -5.37 -27.70 -15.12
CA SER C 151 -4.40 -27.99 -16.15
C SER C 151 -4.06 -26.69 -16.82
N VAL C 152 -2.82 -26.60 -17.30
CA VAL C 152 -2.27 -25.38 -17.85
C VAL C 152 -1.65 -25.72 -19.19
N ASP C 153 -2.12 -25.03 -20.24
CA ASP C 153 -1.58 -25.19 -21.58
C ASP C 153 -1.21 -23.89 -22.27
N PRO C 154 -0.15 -23.90 -23.11
CA PRO C 154 0.21 -22.73 -23.90
C PRO C 154 -0.87 -22.61 -24.98
N THR C 155 -1.04 -21.45 -25.59
CA THR C 155 -1.81 -21.38 -26.83
C THR C 155 -0.75 -21.23 -27.86
N THR C 156 -0.85 -21.99 -28.96
CA THR C 156 0.17 -22.00 -30.01
C THR C 156 -0.03 -20.84 -31.01
N GLU C 157 0.85 -19.83 -30.93
CA GLU C 157 0.91 -18.72 -31.92
C GLU C 157 2.03 -18.95 -32.94
N SER C 159 8.20 -18.83 -30.90
CA SER C 159 6.88 -18.21 -31.01
C SER C 159 6.48 -17.96 -32.48
N ASP C 160 5.30 -17.36 -32.70
CA ASP C 160 5.03 -16.49 -33.91
C ASP C 160 4.87 -14.93 -33.60
N ASP C 161 6.03 -14.32 -33.32
CA ASP C 161 6.26 -12.87 -33.33
C ASP C 161 6.49 -12.17 -31.95
N SER C 162 7.16 -11.02 -31.99
CA SER C 162 7.25 -10.04 -30.91
C SER C 162 6.43 -8.76 -31.27
N GLU C 163 5.18 -9.02 -31.63
CA GLU C 163 4.20 -8.04 -32.05
C GLU C 163 3.98 -6.90 -31.08
N TYR C 164 4.13 -7.16 -29.78
CA TYR C 164 3.75 -6.19 -28.71
C TYR C 164 5.01 -5.45 -28.20
N PHE C 165 6.21 -5.77 -28.69
CA PHE C 165 7.42 -5.33 -28.05
C PHE C 165 7.79 -3.89 -28.38
N SER C 166 8.15 -3.13 -27.35
CA SER C 166 8.55 -1.74 -27.51
C SER C 166 9.76 -1.58 -28.43
N GLN C 167 9.57 -0.84 -29.51
CA GLN C 167 10.65 -0.36 -30.36
C GLN C 167 11.75 0.39 -29.60
N TYR C 168 11.47 0.82 -28.36
CA TYR C 168 12.37 1.78 -27.64
C TYR C 168 13.25 1.05 -26.62
N SER C 169 12.98 -0.23 -26.32
CA SER C 169 13.83 -1.04 -25.46
C SER C 169 15.27 -1.12 -25.99
N ARG C 170 16.22 -1.14 -25.07
CA ARG C 170 17.66 -1.40 -25.34
C ARG C 170 17.84 -2.84 -25.87
N PHE C 171 16.85 -3.71 -25.60
CA PHE C 171 16.92 -5.11 -25.99
C PHE C 171 16.00 -5.45 -27.16
N GLU C 172 16.32 -6.57 -27.82
CA GLU C 172 15.48 -7.14 -28.88
C GLU C 172 15.24 -8.63 -28.63
N ILE C 173 14.06 -9.09 -29.07
CA ILE C 173 13.65 -10.47 -28.94
C ILE C 173 14.16 -11.27 -30.13
N LEU C 174 14.93 -12.32 -29.84
CA LEU C 174 15.36 -13.27 -30.85
C LEU C 174 14.30 -14.33 -31.02
N ASP C 175 13.77 -14.83 -29.90
CA ASP C 175 12.81 -15.92 -29.93
C ASP C 175 12.05 -16.00 -28.62
N VAL C 176 10.81 -16.48 -28.67
CA VAL C 176 10.03 -16.89 -27.51
C VAL C 176 9.43 -18.26 -27.78
N THR C 177 9.69 -19.22 -26.87
CA THR C 177 9.01 -20.52 -26.90
C THR C 177 8.31 -20.71 -25.58
N GLN C 178 7.12 -21.31 -25.66
CA GLN C 178 6.22 -21.52 -24.52
C GLN C 178 5.86 -22.98 -24.56
N LYS C 179 6.42 -23.76 -23.63
CA LYS C 179 6.30 -25.21 -23.60
C LYS C 179 5.65 -25.63 -22.31
N LYS C 180 4.91 -26.74 -22.35
CA LYS C 180 4.17 -27.24 -21.21
C LYS C 180 5.02 -28.21 -20.41
N ASN C 181 4.87 -28.16 -19.08
CA ASN C 181 5.54 -29.05 -18.19
C ASN C 181 4.66 -29.41 -17.03
N SER C 182 5.25 -30.19 -16.12
CA SER C 182 4.74 -30.40 -14.79
C SER C 182 5.96 -30.40 -13.85
N VAL C 183 5.79 -29.74 -12.68
CA VAL C 183 6.73 -29.82 -11.61
C VAL C 183 6.14 -30.62 -10.43
N THR C 184 7.09 -31.29 -9.77
CA THR C 184 6.99 -31.96 -8.50
C THR C 184 8.19 -31.41 -7.70
N TYR C 185 7.93 -30.91 -6.50
CA TYR C 185 8.96 -30.67 -5.45
C TYR C 185 8.72 -31.68 -4.32
N SER C 186 9.69 -31.87 -3.43
CA SER C 186 9.59 -32.81 -2.30
C SER C 186 8.55 -32.41 -1.25
N CYS C 187 8.26 -31.11 -1.16
CA CYS C 187 7.14 -30.52 -0.40
C CYS C 187 5.75 -31.15 -0.57
N CYS C 188 5.46 -31.56 -1.81
CA CYS C 188 4.12 -31.78 -2.33
C CYS C 188 4.10 -33.03 -3.19
N PRO C 189 3.32 -34.09 -2.84
CA PRO C 189 3.38 -35.36 -3.56
C PRO C 189 2.79 -35.35 -4.99
N GLU C 190 2.03 -34.31 -5.34
CA GLU C 190 1.31 -34.17 -6.59
C GLU C 190 2.12 -33.38 -7.63
N ALA C 191 1.63 -33.44 -8.88
CA ALA C 191 2.23 -32.69 -9.99
C ALA C 191 1.43 -31.43 -10.26
N TYR C 192 2.16 -30.35 -10.51
CA TYR C 192 1.56 -29.03 -10.81
C TYR C 192 1.93 -28.73 -12.26
N GLU C 193 0.95 -28.42 -13.11
CA GLU C 193 1.23 -28.16 -14.51
C GLU C 193 1.68 -26.73 -14.64
N ASP C 194 2.59 -26.50 -15.59
CA ASP C 194 3.09 -25.17 -15.82
C ASP C 194 3.32 -24.97 -17.28
N VAL C 195 3.43 -23.70 -17.65
CA VAL C 195 4.03 -23.31 -18.91
C VAL C 195 5.39 -22.74 -18.60
N GLU C 196 6.41 -23.25 -19.28
CA GLU C 196 7.76 -22.70 -19.22
C GLU C 196 7.97 -21.85 -20.46
N VAL C 197 8.24 -20.57 -20.22
CA VAL C 197 8.37 -19.58 -21.25
C VAL C 197 9.83 -19.22 -21.32
N SER C 198 10.41 -19.28 -22.52
CA SER C 198 11.82 -19.00 -22.73
C SER C 198 11.95 -17.78 -23.61
N LEU C 199 12.57 -16.74 -23.07
CA LEU C 199 12.66 -15.46 -23.73
C LEU C 199 14.13 -15.31 -24.11
N ASN C 200 14.41 -15.39 -25.41
CA ASN C 200 15.76 -15.32 -25.90
C ASN C 200 15.87 -13.91 -26.42
N PHE C 201 16.82 -13.14 -25.86
CA PHE C 201 16.96 -11.73 -26.18
C PHE C 201 18.42 -11.31 -26.13
N ARG C 202 18.72 -10.13 -26.70
CA ARG C 202 20.08 -9.55 -26.64
C ARG C 202 20.03 -8.02 -26.71
N LYS C 203 21.11 -7.38 -26.26
CA LYS C 203 21.29 -5.94 -26.34
C LYS C 203 21.28 -5.55 -27.80
N LYS C 204 20.66 -4.42 -28.16
CA LYS C 204 20.54 -4.02 -29.56
C LYS C 204 21.87 -3.54 -30.07
N GLY C 205 22.07 -3.71 -31.39
CA GLY C 205 23.08 -2.99 -32.15
C GLY C 205 22.79 -1.51 -32.38
N LEU D 1 -33.68 18.59 -4.24
CA LEU D 1 -32.66 17.72 -3.75
C LEU D 1 -31.48 18.52 -3.22
N ASP D 2 -31.01 18.17 -2.02
CA ASP D 2 -29.65 18.60 -1.54
C ASP D 2 -28.59 17.57 -1.99
N ARG D 3 -27.32 17.88 -1.73
CA ARG D 3 -26.16 17.04 -2.15
C ARG D 3 -26.27 15.63 -1.55
N ALA D 4 -26.75 15.53 -0.30
CA ALA D 4 -26.91 14.23 0.34
C ALA D 4 -27.87 13.34 -0.46
N ASP D 5 -29.03 13.91 -0.80
CA ASP D 5 -30.05 13.24 -1.65
C ASP D 5 -29.52 12.93 -3.03
N ILE D 6 -28.78 13.85 -3.63
CA ILE D 6 -28.20 13.59 -4.93
C ILE D 6 -27.31 12.35 -4.86
N LEU D 7 -26.39 12.31 -3.88
CA LEU D 7 -25.47 11.17 -3.70
C LEU D 7 -26.29 9.89 -3.44
N TYR D 8 -27.27 9.97 -2.53
CA TYR D 8 -28.16 8.83 -2.20
C TYR D 8 -28.76 8.27 -3.50
N ASN D 9 -29.36 9.15 -4.30
CA ASN D 9 -29.95 8.79 -5.59
C ASN D 9 -28.98 8.24 -6.60
N ILE D 10 -27.71 8.68 -6.54
CA ILE D 10 -26.67 8.12 -7.39
C ILE D 10 -26.38 6.69 -6.97
N ARG D 11 -26.26 6.42 -5.68
CA ARG D 11 -25.99 5.06 -5.12
C ARG D 11 -27.13 4.10 -5.50
N GLN D 12 -28.39 4.52 -5.28
CA GLN D 12 -29.56 3.80 -5.82
C GLN D 12 -29.56 3.34 -7.33
N THR D 13 -29.15 4.16 -8.30
CA THR D 13 -29.36 3.88 -9.71
C THR D 13 -28.06 3.71 -10.54
N SER D 14 -26.94 4.07 -9.94
CA SER D 14 -25.62 3.90 -10.54
C SER D 14 -25.11 2.53 -10.23
N ARG D 15 -24.61 1.86 -11.27
CA ARG D 15 -23.96 0.53 -11.21
C ARG D 15 -22.51 0.72 -11.64
N PRO D 16 -21.56 0.88 -10.70
CA PRO D 16 -20.15 1.11 -11.06
C PRO D 16 -19.53 0.01 -11.94
N ASP D 17 -20.11 -1.20 -11.96
CA ASP D 17 -19.64 -2.32 -12.76
C ASP D 17 -20.41 -2.54 -14.05
N VAL D 18 -21.24 -1.58 -14.47
CA VAL D 18 -21.98 -1.67 -15.72
C VAL D 18 -21.84 -0.41 -16.57
N ILE D 19 -21.24 -0.61 -17.75
CA ILE D 19 -20.98 0.45 -18.67
C ILE D 19 -22.32 1.08 -19.06
N PRO D 20 -22.49 2.42 -18.93
CA PRO D 20 -23.77 3.08 -19.21
C PRO D 20 -24.12 3.32 -20.70
N THR D 21 -24.24 2.26 -21.49
CA THR D 21 -24.53 2.34 -22.91
C THR D 21 -26.00 2.74 -23.14
N GLN D 22 -26.24 3.62 -24.11
CA GLN D 22 -27.55 4.04 -24.54
C GLN D 22 -27.80 3.34 -25.86
N ARG D 23 -28.78 2.43 -25.89
CA ARG D 23 -29.32 1.79 -27.13
C ARG D 23 -28.16 1.22 -27.95
N ASP D 24 -27.26 0.46 -27.31
CA ASP D 24 -26.21 -0.29 -27.99
C ASP D 24 -25.16 0.56 -28.76
N ARG D 25 -25.24 1.88 -28.60
CA ARG D 25 -24.21 2.84 -29.05
C ARG D 25 -23.05 2.73 -28.06
N PRO D 26 -21.80 2.91 -28.53
CA PRO D 26 -20.66 2.99 -27.64
C PRO D 26 -20.77 4.20 -26.70
N VAL D 27 -20.09 4.18 -25.55
CA VAL D 27 -20.01 5.30 -24.66
C VAL D 27 -18.86 6.17 -25.15
N ALA D 28 -19.20 7.43 -25.48
CA ALA D 28 -18.25 8.38 -26.02
C ALA D 28 -17.45 8.95 -24.84
N VAL D 29 -16.17 8.58 -24.78
CA VAL D 29 -15.29 9.10 -23.78
C VAL D 29 -14.28 10.04 -24.43
N SER D 30 -14.16 11.25 -23.89
CA SER D 30 -13.16 12.17 -24.35
C SER D 30 -12.06 12.21 -23.26
N VAL D 31 -10.82 12.21 -23.74
CA VAL D 31 -9.67 12.07 -22.89
C VAL D 31 -8.58 12.98 -23.43
N SER D 32 -7.99 13.75 -22.53
CA SER D 32 -6.93 14.69 -22.89
C SER D 32 -5.92 14.78 -21.74
N LEU D 33 -4.64 14.71 -22.11
CA LEU D 33 -3.57 14.83 -21.15
C LEU D 33 -3.09 16.30 -21.08
N LYS D 34 -3.02 16.86 -19.87
CA LYS D 34 -2.39 18.11 -19.63
C LYS D 34 -1.12 17.83 -18.83
N PHE D 35 0.04 18.02 -19.46
CA PHE D 35 1.33 17.74 -18.88
C PHE D 35 1.75 18.77 -17.86
N ILE D 36 2.16 18.28 -16.69
CA ILE D 36 2.56 19.13 -15.57
C ILE D 36 4.05 19.10 -15.39
N ASN D 37 4.66 17.92 -15.58
CA ASN D 37 6.09 17.76 -15.39
C ASN D 37 6.67 16.54 -16.09
N ILE D 38 7.97 16.61 -16.37
CA ILE D 38 8.75 15.52 -16.86
C ILE D 38 9.88 15.40 -15.87
N LEU D 39 9.99 14.27 -15.17
CA LEU D 39 10.76 14.18 -13.95
C LEU D 39 12.07 13.47 -14.04
N GLU D 40 12.14 12.31 -14.69
CA GLU D 40 13.47 11.67 -14.79
C GLU D 40 13.61 10.98 -16.06
N VAL D 41 14.54 11.51 -16.85
CA VAL D 41 14.71 11.06 -18.17
C VAL D 41 15.45 9.75 -18.42
N ASN D 42 16.43 9.38 -17.61
CA ASN D 42 17.19 8.13 -17.84
C ASN D 42 17.67 7.80 -19.28
N GLU D 43 18.78 8.47 -19.61
CA GLU D 43 19.42 8.38 -20.91
C GLU D 43 19.94 6.97 -21.16
N ILE D 44 20.32 6.25 -20.09
CA ILE D 44 20.83 4.87 -20.20
C ILE D 44 19.75 3.81 -20.50
N THR D 45 18.60 3.90 -19.84
CA THR D 45 17.50 2.89 -19.98
C THR D 45 16.32 3.27 -20.85
N ASN D 46 16.43 4.35 -21.63
CA ASN D 46 15.32 4.92 -22.38
C ASN D 46 13.95 4.95 -21.69
N GLU D 47 13.91 5.56 -20.51
CA GLU D 47 12.69 5.66 -19.72
C GLU D 47 12.46 7.07 -19.23
N VAL D 48 11.20 7.48 -19.23
CA VAL D 48 10.83 8.79 -18.76
C VAL D 48 9.64 8.70 -17.83
N ASP D 49 9.62 9.59 -16.85
CA ASP D 49 8.58 9.72 -15.84
C ASP D 49 7.86 11.03 -16.08
N VAL D 50 6.54 10.97 -16.29
CA VAL D 50 5.75 12.15 -16.55
C VAL D 50 4.65 12.27 -15.52
N VAL D 51 4.29 13.51 -15.20
CA VAL D 51 3.07 13.84 -14.45
C VAL D 51 2.13 14.55 -15.41
N PHE D 52 0.88 14.12 -15.41
CA PHE D 52 -0.13 14.74 -16.25
C PHE D 52 -1.49 14.67 -15.59
N TRP D 53 -2.34 15.69 -15.87
CA TRP D 53 -3.73 15.61 -15.48
C TRP D 53 -4.46 14.89 -16.61
N GLN D 54 -5.17 13.80 -16.27
CA GLN D 54 -5.93 13.07 -17.26
C GLN D 54 -7.40 13.53 -17.31
N GLN D 55 -7.69 14.51 -18.15
CA GLN D 55 -9.03 15.07 -18.24
C GLN D 55 -9.92 14.12 -19.03
N THR D 56 -10.88 13.53 -18.32
CA THR D 56 -11.73 12.50 -18.89
C THR D 56 -13.19 12.91 -18.68
N THR D 57 -13.97 12.94 -19.77
CA THR D 57 -15.40 13.17 -19.66
C THR D 57 -16.18 12.14 -20.44
N TRP D 58 -17.42 11.91 -19.99
CA TRP D 58 -18.38 10.99 -20.63
C TRP D 58 -19.74 11.29 -20.01
N SER D 59 -20.78 10.65 -20.57
CA SER D 59 -22.15 10.82 -20.13
C SER D 59 -22.66 9.54 -19.56
N ASP D 60 -23.49 9.65 -18.52
CA ASP D 60 -24.21 8.55 -17.91
C ASP D 60 -25.52 9.12 -17.42
N ARG D 61 -26.54 8.98 -18.25
CA ARG D 61 -27.88 9.57 -18.08
C ARG D 61 -28.56 8.95 -16.85
N THR D 62 -28.09 7.79 -16.37
CA THR D 62 -28.65 7.20 -15.13
C THR D 62 -28.41 8.09 -13.93
N LEU D 63 -27.32 8.86 -13.96
CA LEU D 63 -26.95 9.78 -12.89
C LEU D 63 -27.72 11.12 -12.87
N ALA D 64 -28.43 11.45 -13.94
CA ALA D 64 -29.02 12.78 -14.09
C ALA D 64 -30.11 13.04 -13.08
N TRP D 65 -30.26 14.31 -12.69
CA TRP D 65 -31.38 14.75 -11.84
C TRP D 65 -31.85 16.09 -12.34
N ASN D 66 -33.16 16.34 -12.16
CA ASN D 66 -33.91 17.41 -12.82
C ASN D 66 -34.55 18.10 -11.68
N SER D 67 -34.40 19.43 -11.59
CA SER D 67 -34.09 20.10 -10.33
C SER D 67 -35.38 20.56 -9.61
N SER D 68 -35.69 21.86 -9.67
CA SER D 68 -36.35 22.55 -8.58
C SER D 68 -35.27 22.43 -7.51
N HIS D 69 -34.76 23.59 -7.09
CA HIS D 69 -33.99 23.74 -5.87
C HIS D 69 -32.91 22.70 -5.76
N SER D 70 -32.10 22.60 -6.81
CA SER D 70 -31.01 21.64 -6.74
C SER D 70 -29.67 22.13 -7.26
N PRO D 71 -28.57 21.66 -6.65
CA PRO D 71 -27.23 21.91 -7.18
C PRO D 71 -27.08 21.40 -8.62
N ASP D 72 -26.28 22.11 -9.42
CA ASP D 72 -25.98 21.78 -10.80
C ASP D 72 -24.96 20.66 -10.92
N GLN D 73 -24.13 20.52 -9.89
CA GLN D 73 -23.08 19.53 -9.86
C GLN D 73 -22.84 18.99 -8.45
N VAL D 74 -22.21 17.82 -8.38
CA VAL D 74 -21.67 17.30 -7.14
C VAL D 74 -20.37 16.57 -7.39
N SER D 75 -19.57 16.50 -6.32
CA SER D 75 -18.34 15.70 -6.27
C SER D 75 -18.77 14.38 -5.63
N VAL D 76 -18.42 13.26 -6.27
CA VAL D 76 -18.75 11.97 -5.74
C VAL D 76 -17.48 11.13 -5.80
N PRO D 77 -17.23 10.26 -4.80
CA PRO D 77 -16.10 9.33 -4.87
C PRO D 77 -16.25 8.37 -6.06
N ILE D 78 -15.15 8.12 -6.78
CA ILE D 78 -15.24 7.27 -7.95
C ILE D 78 -15.79 5.84 -7.77
N SER D 79 -15.72 5.31 -6.55
CA SER D 79 -16.38 4.00 -6.26
C SER D 79 -17.90 4.01 -6.34
N SER D 80 -18.52 5.21 -6.38
CA SER D 80 -19.94 5.34 -6.63
C SER D 80 -20.34 5.37 -8.13
N LEU D 81 -19.35 5.57 -9.01
CA LEU D 81 -19.65 5.66 -10.41
C LEU D 81 -18.96 4.59 -11.21
N TRP D 82 -19.51 4.32 -12.38
CA TRP D 82 -18.82 3.71 -13.46
C TRP D 82 -17.81 4.71 -14.00
N VAL D 83 -16.58 4.24 -14.21
CA VAL D 83 -15.50 5.03 -14.74
C VAL D 83 -14.96 4.19 -15.88
N PRO D 84 -14.54 4.78 -16.99
CA PRO D 84 -13.93 3.99 -18.06
C PRO D 84 -12.61 3.38 -17.55
N ASP D 85 -12.32 2.13 -17.93
CA ASP D 85 -11.13 1.38 -17.56
C ASP D 85 -9.96 1.78 -18.49
N LEU D 86 -9.67 3.08 -18.56
CA LEU D 86 -8.58 3.61 -19.37
C LEU D 86 -7.21 3.18 -18.81
N ALA D 87 -6.27 2.89 -19.72
CA ALA D 87 -4.93 2.45 -19.42
C ALA D 87 -3.98 2.97 -20.54
N ALA D 88 -2.74 3.25 -20.15
CA ALA D 88 -1.71 3.50 -21.12
C ALA D 88 -1.16 2.14 -21.52
N TYR D 89 -1.58 1.67 -22.69
CA TYR D 89 -1.20 0.36 -23.25
C TYR D 89 0.32 0.13 -23.18
N ASN D 90 1.13 1.16 -23.33
CA ASN D 90 2.58 1.01 -23.36
C ASN D 90 3.29 1.55 -22.09
N ALA D 91 2.55 1.65 -20.98
CA ALA D 91 3.18 2.10 -19.72
C ALA D 91 3.99 0.97 -19.18
N ILE D 92 5.06 1.32 -18.45
CA ILE D 92 5.88 0.33 -17.81
C ILE D 92 5.83 0.46 -16.30
N SER D 93 4.86 1.21 -15.79
CA SER D 93 4.65 1.32 -14.37
C SER D 93 3.18 1.53 -14.13
N LYS D 94 2.73 1.17 -12.93
CA LYS D 94 1.37 1.39 -12.48
C LYS D 94 1.17 2.89 -12.39
N PRO D 95 0.02 3.42 -12.82
CA PRO D 95 -0.26 4.83 -12.66
C PRO D 95 -0.34 5.12 -11.16
N GLU D 96 0.41 6.11 -10.69
CA GLU D 96 0.28 6.65 -9.38
C GLU D 96 -0.70 7.85 -9.45
N VAL D 97 -1.86 7.72 -8.81
CA VAL D 97 -2.82 8.82 -8.70
C VAL D 97 -2.48 9.68 -7.53
N LEU D 98 -2.16 10.95 -7.77
CA LEU D 98 -1.68 11.90 -6.75
C LEU D 98 -2.78 12.67 -6.03
N THR D 99 -3.98 12.68 -6.59
CA THR D 99 -5.06 13.59 -6.16
C THR D 99 -6.22 12.82 -5.55
N PRO D 100 -7.13 13.48 -4.81
CA PRO D 100 -8.36 12.86 -4.32
C PRO D 100 -9.14 12.14 -5.43
N GLN D 101 -9.58 10.91 -5.14
CA GLN D 101 -10.30 10.11 -6.08
C GLN D 101 -11.78 10.45 -6.10
N LEU D 102 -12.06 11.69 -6.53
CA LEU D 102 -13.42 12.20 -6.68
C LEU D 102 -13.65 12.56 -8.12
N ALA D 103 -14.88 12.38 -8.58
CA ALA D 103 -15.29 12.90 -9.90
C ALA D 103 -16.39 13.91 -9.67
N ARG D 104 -16.56 14.82 -10.64
CA ARG D 104 -17.66 15.82 -10.68
C ARG D 104 -18.78 15.21 -11.54
N VAL D 105 -19.99 15.13 -10.98
CA VAL D 105 -21.15 14.74 -11.74
C VAL D 105 -22.03 15.98 -11.93
N VAL D 106 -22.39 16.28 -13.20
CA VAL D 106 -23.27 17.38 -13.52
C VAL D 106 -24.70 16.84 -13.66
N SER D 107 -25.70 17.72 -13.44
CA SER D 107 -27.10 17.33 -13.32
C SER D 107 -27.64 16.62 -14.54
N ASP D 108 -27.04 16.89 -15.71
CA ASP D 108 -27.43 16.27 -16.98
C ASP D 108 -26.82 14.89 -17.18
N GLY D 109 -25.95 14.48 -16.26
CA GLY D 109 -25.35 13.16 -16.32
C GLY D 109 -23.95 13.17 -16.87
N GLU D 110 -23.40 14.36 -17.13
CA GLU D 110 -22.03 14.46 -17.54
C GLU D 110 -21.15 14.24 -16.31
N VAL D 111 -20.08 13.46 -16.52
CA VAL D 111 -19.12 13.15 -15.50
C VAL D 111 -17.76 13.69 -15.96
N LEU D 112 -17.10 14.45 -15.07
CA LEU D 112 -15.73 14.90 -15.29
C LEU D 112 -14.83 14.29 -14.19
N TYR D 113 -13.80 13.57 -14.61
CA TYR D 113 -12.79 12.91 -13.75
C TYR D 113 -11.43 13.36 -14.26
N MET D 114 -10.65 14.05 -13.43
CA MET D 114 -9.36 14.55 -13.86
C MET D 114 -8.30 14.29 -12.78
N PRO D 115 -7.85 13.04 -12.61
CA PRO D 115 -6.79 12.73 -11.65
C PRO D 115 -5.43 13.25 -12.13
N SER D 116 -4.61 13.74 -11.22
CA SER D 116 -3.20 13.95 -11.55
C SER D 116 -2.48 12.58 -11.40
N ILE D 117 -1.78 12.21 -12.47
CA ILE D 117 -1.18 10.91 -12.57
C ILE D 117 0.31 11.03 -12.84
N ARG D 118 1.08 10.24 -12.10
CA ARG D 118 2.51 10.05 -12.37
C ARG D 118 2.74 8.63 -12.89
N GLN D 119 3.50 8.47 -13.96
CA GLN D 119 3.62 7.22 -14.65
C GLN D 119 4.88 7.21 -15.52
N ARG D 120 5.45 6.02 -15.71
CA ARG D 120 6.74 5.81 -16.42
C ARG D 120 6.45 5.19 -17.79
N PHE D 121 7.19 5.64 -18.81
CA PHE D 121 7.05 5.12 -20.15
C PHE D 121 8.41 4.89 -20.74
N SER D 122 8.48 4.01 -21.74
CA SER D 122 9.68 3.81 -22.52
C SER D 122 9.61 4.80 -23.66
N CYS D 123 10.69 5.58 -23.84
CA CYS D 123 10.82 6.45 -25.03
C CYS D 123 12.30 6.62 -25.40
N ASP D 124 12.60 6.86 -26.68
CA ASP D 124 13.98 7.17 -27.13
C ASP D 124 14.37 8.57 -26.67
N VAL D 125 15.27 8.65 -25.69
CA VAL D 125 15.64 9.90 -25.05
C VAL D 125 17.08 10.30 -25.38
N SER D 126 17.62 9.76 -26.48
CA SER D 126 18.96 10.13 -26.94
C SER D 126 19.03 11.57 -27.47
N GLY D 127 17.92 12.09 -28.00
CA GLY D 127 17.87 13.40 -28.61
C GLY D 127 17.34 14.50 -27.71
N VAL D 128 17.10 14.16 -26.43
CA VAL D 128 16.54 15.06 -25.44
C VAL D 128 17.40 16.31 -25.22
N ASP D 129 18.71 16.17 -25.42
CA ASP D 129 19.65 17.28 -25.30
C ASP D 129 19.91 18.02 -26.59
N THR D 130 19.19 17.66 -27.66
CA THR D 130 19.26 18.38 -28.95
C THR D 130 18.13 19.38 -29.08
N GLU D 131 18.17 20.21 -30.13
CA GLU D 131 17.18 21.26 -30.31
C GLU D 131 15.82 20.72 -30.75
N SER D 132 15.82 19.64 -31.54
CA SER D 132 14.58 18.98 -31.99
C SER D 132 14.01 18.08 -30.90
N GLY D 133 14.86 17.69 -29.96
CA GLY D 133 14.44 17.00 -28.74
C GLY D 133 14.02 15.57 -28.97
N ALA D 134 13.45 14.97 -27.93
CA ALA D 134 12.89 13.62 -27.94
C ALA D 134 11.35 13.63 -27.92
N THR D 135 10.74 12.47 -28.22
CA THR D 135 9.28 12.32 -28.28
C THR D 135 8.82 11.09 -27.47
N CYS D 136 8.02 11.30 -26.44
CA CYS D 136 7.42 10.24 -25.68
C CYS D 136 5.98 10.03 -26.13
N ARG D 137 5.69 8.80 -26.59
CA ARG D 137 4.40 8.42 -27.23
C ARG D 137 3.58 7.61 -26.24
N ILE D 138 2.38 8.09 -25.90
CA ILE D 138 1.53 7.43 -24.94
C ILE D 138 0.25 7.04 -25.67
N LYS D 139 -0.06 5.75 -25.67
CA LYS D 139 -1.32 5.23 -26.23
C LYS D 139 -2.27 4.96 -25.09
N ILE D 140 -3.38 5.71 -25.03
CA ILE D 140 -4.41 5.55 -24.00
C ILE D 140 -5.73 5.14 -24.61
N GLY D 141 -6.29 4.05 -24.08
CA GLY D 141 -7.62 3.56 -24.37
C GLY D 141 -8.16 2.63 -23.28
N SER D 142 -9.39 2.14 -23.51
CA SER D 142 -10.01 1.16 -22.63
C SER D 142 -9.23 -0.13 -22.62
N TRP D 143 -9.09 -0.74 -21.47
CA TRP D 143 -8.40 -2.02 -21.37
C TRP D 143 -9.30 -3.15 -21.87
N THR D 144 -10.59 -3.11 -21.58
CA THR D 144 -11.48 -4.26 -21.89
C THR D 144 -12.67 -3.99 -22.81
N HIS D 145 -12.91 -2.73 -23.16
CA HIS D 145 -14.06 -2.36 -23.98
C HIS D 145 -13.61 -1.97 -25.37
N HIS D 146 -14.06 -2.74 -26.36
CA HIS D 146 -13.71 -2.48 -27.73
C HIS D 146 -14.58 -1.32 -28.31
N SER D 147 -14.36 -0.99 -29.58
CA SER D 147 -14.93 0.19 -30.18
C SER D 147 -16.48 0.28 -30.28
N ARG D 148 -17.18 -0.85 -30.18
CA ARG D 148 -18.67 -0.89 -30.12
C ARG D 148 -19.18 -0.56 -28.70
N GLU D 149 -18.30 -0.59 -27.70
CA GLU D 149 -18.70 -0.36 -26.32
C GLU D 149 -18.16 0.98 -25.80
N ILE D 150 -16.92 1.31 -26.15
CA ILE D 150 -16.30 2.60 -25.80
C ILE D 150 -15.58 3.19 -27.02
N SER D 151 -15.85 4.48 -27.28
CA SER D 151 -15.11 5.24 -28.24
C SER D 151 -14.32 6.28 -27.46
N VAL D 152 -13.14 6.63 -27.99
CA VAL D 152 -12.23 7.54 -27.36
C VAL D 152 -11.82 8.63 -28.31
N ASP D 153 -12.04 9.88 -27.91
CA ASP D 153 -11.61 11.05 -28.71
C ASP D 153 -10.83 12.09 -27.92
N PRO D 154 -9.86 12.78 -28.55
CA PRO D 154 -9.16 13.90 -27.91
C PRO D 154 -10.03 15.13 -27.64
N THR D 155 -10.12 16.06 -28.59
CA THR D 155 -10.57 17.48 -28.52
C THR D 155 -9.49 18.43 -29.09
N ASP D 160 -2.66 20.15 -26.84
CA ASP D 160 -2.69 21.26 -25.90
C ASP D 160 -1.96 20.74 -24.64
N ASP D 161 -0.70 21.17 -24.48
CA ASP D 161 -0.01 21.29 -23.19
C ASP D 161 -1.02 21.91 -22.23
N SER D 162 -1.47 23.12 -22.60
CA SER D 162 -2.38 24.04 -21.91
C SER D 162 -1.71 24.95 -20.83
N GLU D 163 -0.38 25.07 -20.93
CA GLU D 163 0.39 26.01 -20.11
C GLU D 163 0.30 25.74 -18.62
N TYR D 164 0.10 24.48 -18.26
CA TYR D 164 0.09 23.99 -16.85
C TYR D 164 1.42 23.32 -16.52
N PHE D 165 2.39 23.37 -17.43
CA PHE D 165 3.70 22.78 -17.24
C PHE D 165 4.55 23.57 -16.26
N SER D 166 5.18 22.85 -15.34
CA SER D 166 5.99 23.45 -14.29
C SER D 166 7.17 24.20 -14.91
N GLN D 167 7.25 25.50 -14.61
CA GLN D 167 8.42 26.30 -14.90
C GLN D 167 9.71 25.73 -14.31
N TYR D 168 9.61 24.78 -13.38
CA TYR D 168 10.76 24.32 -12.56
C TYR D 168 11.33 23.01 -13.09
N SER D 169 10.66 22.33 -14.02
CA SER D 169 11.22 21.19 -14.72
C SER D 169 12.51 21.52 -15.44
N ARG D 170 13.44 20.55 -15.43
CA ARG D 170 14.68 20.54 -16.24
C ARG D 170 14.33 20.55 -17.74
N PHE D 171 13.12 20.09 -18.08
CA PHE D 171 12.68 19.96 -19.45
C PHE D 171 11.67 21.02 -19.85
N GLU D 172 11.52 21.22 -21.17
CA GLU D 172 10.51 22.09 -21.76
C GLU D 172 9.79 21.38 -22.91
N ILE D 173 8.52 21.75 -23.08
CA ILE D 173 7.66 21.13 -24.09
C ILE D 173 7.82 21.88 -25.40
N LEU D 174 8.18 21.14 -26.45
CA LEU D 174 8.23 21.68 -27.78
C LEU D 174 6.86 21.58 -28.43
N ASP D 175 6.22 20.44 -28.27
CA ASP D 175 4.95 20.17 -28.92
C ASP D 175 4.24 19.01 -28.27
N VAL D 176 2.91 19.06 -28.30
CA VAL D 176 2.05 17.93 -27.94
C VAL D 176 0.99 17.75 -29.02
N THR D 177 0.94 16.54 -29.61
CA THR D 177 -0.13 16.20 -30.54
C THR D 177 -0.84 15.00 -29.98
N GLN D 178 -2.17 15.07 -30.01
CA GLN D 178 -3.08 14.07 -29.39
C GLN D 178 -4.05 13.69 -30.48
N LYS D 179 -3.90 12.46 -30.99
CA LYS D 179 -4.57 12.03 -32.22
C LYS D 179 -5.30 10.74 -31.87
N LYS D 180 -6.41 10.47 -32.56
CA LYS D 180 -7.21 9.29 -32.34
C LYS D 180 -6.77 8.14 -33.23
N ASN D 181 -6.80 6.92 -32.69
CA ASN D 181 -6.53 5.73 -33.45
C ASN D 181 -7.40 4.58 -32.99
N SER D 182 -7.10 3.40 -33.55
CA SER D 182 -7.62 2.13 -33.11
C SER D 182 -6.51 1.11 -33.26
N VAL D 183 -6.41 0.23 -32.25
CA VAL D 183 -5.51 -0.89 -32.27
C VAL D 183 -6.30 -2.20 -32.30
N THR D 184 -5.66 -3.22 -32.85
CA THR D 184 -6.07 -4.62 -32.82
C THR D 184 -4.83 -5.40 -32.48
N TYR D 185 -4.89 -6.32 -31.50
CA TYR D 185 -3.79 -7.29 -31.23
C TYR D 185 -4.25 -8.68 -31.64
N SER D 186 -3.28 -9.58 -31.80
CA SER D 186 -3.43 -11.01 -32.00
C SER D 186 -4.21 -11.74 -30.88
N CYS D 187 -4.15 -11.22 -29.66
CA CYS D 187 -4.94 -11.67 -28.53
C CYS D 187 -6.48 -11.72 -28.70
N CYS D 188 -7.02 -10.73 -29.43
CA CYS D 188 -8.37 -10.20 -29.25
C CYS D 188 -9.00 -9.93 -30.61
N PRO D 189 -10.21 -10.47 -30.91
CA PRO D 189 -10.84 -10.31 -32.23
C PRO D 189 -11.29 -8.88 -32.59
N GLU D 190 -11.50 -8.01 -31.59
CA GLU D 190 -12.01 -6.66 -31.84
C GLU D 190 -10.93 -5.60 -31.84
N ALA D 191 -11.31 -4.41 -32.30
CA ALA D 191 -10.52 -3.21 -32.35
C ALA D 191 -10.87 -2.32 -31.15
N TYR D 192 -9.85 -1.68 -30.59
CA TYR D 192 -9.96 -0.84 -29.37
C TYR D 192 -9.58 0.57 -29.79
N GLU D 193 -10.36 1.58 -29.44
CA GLU D 193 -10.01 2.97 -29.75
C GLU D 193 -8.99 3.47 -28.72
N ASP D 194 -8.07 4.31 -29.19
CA ASP D 194 -7.14 4.98 -28.32
C ASP D 194 -6.94 6.41 -28.75
N VAL D 195 -6.38 7.18 -27.83
CA VAL D 195 -5.74 8.44 -28.14
C VAL D 195 -4.25 8.20 -28.06
N GLU D 196 -3.53 8.55 -29.12
CA GLU D 196 -2.09 8.51 -29.16
C GLU D 196 -1.57 9.92 -28.95
N VAL D 197 -0.77 10.09 -27.90
CA VAL D 197 -0.26 11.36 -27.49
C VAL D 197 1.23 11.34 -27.80
N SER D 198 1.72 12.37 -28.49
CA SER D 198 3.14 12.58 -28.69
C SER D 198 3.61 13.79 -27.91
N LEU D 199 4.56 13.57 -27.00
CA LEU D 199 5.09 14.62 -26.16
C LEU D 199 6.51 14.86 -26.66
N ASN D 200 6.73 16.00 -27.31
CA ASN D 200 8.00 16.34 -27.86
C ASN D 200 8.58 17.32 -26.83
N PHE D 201 9.75 16.98 -26.28
CA PHE D 201 10.38 17.76 -25.23
C PHE D 201 11.89 17.72 -25.33
N ARG D 202 12.56 18.64 -24.62
CA ARG D 202 14.04 18.68 -24.56
C ARG D 202 14.53 19.29 -23.23
N LYS D 203 15.78 18.99 -22.87
CA LYS D 203 16.45 19.55 -21.70
C LYS D 203 16.53 21.05 -21.92
N LYS D 204 16.34 21.84 -20.86
CA LYS D 204 16.63 23.27 -20.89
C LYS D 204 18.10 23.41 -20.85
N LEU E 1 -16.17 -19.32 30.62
CA LEU E 1 -16.18 -18.54 29.34
C LEU E 1 -15.08 -19.09 28.44
N ASP E 2 -15.42 -19.38 27.19
CA ASP E 2 -14.42 -19.72 26.16
C ASP E 2 -13.95 -18.43 25.44
N ARG E 3 -12.93 -18.57 24.59
CA ARG E 3 -12.34 -17.46 23.82
C ARG E 3 -13.41 -16.82 22.92
N ALA E 4 -14.34 -17.60 22.38
CA ALA E 4 -15.40 -17.03 21.54
C ALA E 4 -16.23 -16.00 22.33
N ASP E 5 -16.66 -16.38 23.55
CA ASP E 5 -17.37 -15.50 24.46
C ASP E 5 -16.53 -14.29 24.86
N ILE E 6 -15.25 -14.51 25.16
CA ILE E 6 -14.39 -13.40 25.47
C ILE E 6 -14.40 -12.34 24.30
N LEU E 7 -14.15 -12.82 23.08
CA LEU E 7 -14.06 -11.96 21.92
C LEU E 7 -15.44 -11.30 21.66
N TYR E 8 -16.50 -12.09 21.75
CA TYR E 8 -17.89 -11.59 21.61
C TYR E 8 -18.10 -10.41 22.56
N ASN E 9 -17.78 -10.61 23.84
CA ASN E 9 -17.92 -9.57 24.84
C ASN E 9 -17.07 -8.33 24.58
N ILE E 10 -15.90 -8.52 23.96
CA ILE E 10 -15.06 -7.41 23.59
C ILE E 10 -15.74 -6.58 22.47
N ARG E 11 -16.30 -7.25 21.47
CA ARG E 11 -17.03 -6.62 20.32
C ARG E 11 -18.25 -5.84 20.84
N GLN E 12 -19.09 -6.46 21.68
CA GLN E 12 -20.04 -5.72 22.50
C GLN E 12 -19.09 -5.01 23.43
N THR E 13 -19.30 -3.71 23.64
CA THR E 13 -18.58 -2.90 24.65
C THR E 13 -17.26 -2.18 24.28
N SER E 14 -16.47 -2.75 23.37
CA SER E 14 -15.29 -2.03 22.86
C SER E 14 -15.70 -1.22 21.65
N ARG E 15 -15.37 0.07 21.72
CA ARG E 15 -15.56 1.04 20.63
C ARG E 15 -14.17 1.53 20.23
N PRO E 16 -13.58 1.02 19.14
CA PRO E 16 -12.25 1.46 18.69
C PRO E 16 -12.09 2.99 18.51
N ASP E 17 -13.17 3.72 18.32
CA ASP E 17 -13.14 5.17 18.14
C ASP E 17 -13.59 5.96 19.37
N VAL E 18 -13.64 5.31 20.54
CA VAL E 18 -13.92 5.97 21.81
C VAL E 18 -12.89 5.62 22.88
N ILE E 19 -12.17 6.65 23.30
CA ILE E 19 -11.16 6.55 24.31
C ILE E 19 -11.80 6.01 25.57
N PRO E 20 -11.30 4.92 26.17
CA PRO E 20 -11.97 4.30 27.33
C PRO E 20 -11.73 4.95 28.69
N THR E 21 -12.11 6.22 28.83
CA THR E 21 -11.74 7.06 29.97
C THR E 21 -12.09 6.70 31.41
N GLN E 22 -13.36 6.38 31.73
CA GLN E 22 -13.74 5.96 33.09
C GLN E 22 -13.67 7.09 34.13
N ARG E 23 -14.87 7.61 34.44
CA ARG E 23 -15.12 8.69 35.44
C ARG E 23 -14.16 9.86 35.19
N ASP E 24 -14.04 10.33 33.95
CA ASP E 24 -13.23 11.44 33.50
C ASP E 24 -11.74 11.48 33.94
N ARG E 25 -11.24 10.33 34.36
CA ARG E 25 -9.79 10.07 34.60
C ARG E 25 -9.16 9.89 33.23
N PRO E 26 -7.90 10.29 33.00
CA PRO E 26 -7.20 9.98 31.75
C PRO E 26 -7.01 8.46 31.59
N VAL E 27 -6.75 7.99 30.37
CA VAL E 27 -6.28 6.63 30.18
C VAL E 27 -4.76 6.67 30.35
N ALA E 28 -4.28 5.88 31.30
CA ALA E 28 -2.87 5.84 31.65
C ALA E 28 -2.19 4.88 30.71
N VAL E 29 -1.37 5.41 29.80
CA VAL E 29 -0.66 4.64 28.83
C VAL E 29 0.82 4.63 29.17
N SER E 30 1.41 3.43 29.21
CA SER E 30 2.86 3.30 29.37
C SER E 30 3.45 2.87 28.05
N VAL E 31 4.64 3.39 27.77
CA VAL E 31 5.31 3.18 26.51
C VAL E 31 6.79 3.00 26.76
N SER E 32 7.39 1.99 26.14
CA SER E 32 8.81 1.77 26.16
C SER E 32 9.31 1.21 24.83
N LEU E 33 10.41 1.79 24.34
CA LEU E 33 11.06 1.31 23.13
C LEU E 33 12.19 0.31 23.47
N LYS E 34 12.19 -0.85 22.83
CA LYS E 34 13.28 -1.80 22.90
C LYS E 34 13.90 -1.87 21.53
N PHE E 35 15.14 -1.40 21.42
CA PHE E 35 15.83 -1.27 20.14
C PHE E 35 16.37 -2.59 19.65
N ILE E 36 16.07 -2.88 18.38
CA ILE E 36 16.44 -4.16 17.75
C ILE E 36 17.57 -3.97 16.77
N ASN E 37 17.55 -2.83 16.06
CA ASN E 37 18.58 -2.53 15.07
C ASN E 37 18.68 -1.07 14.73
N ILE E 38 19.86 -0.67 14.27
CA ILE E 38 20.09 0.66 13.71
C ILE E 38 20.64 0.38 12.33
N LEU E 39 19.94 0.81 11.29
CA LEU E 39 20.14 0.28 9.94
C LEU E 39 20.92 1.16 8.98
N GLU E 40 20.61 2.45 8.93
CA GLU E 40 21.35 3.32 8.04
C GLU E 40 21.55 4.61 8.65
N VAL E 41 22.80 4.88 8.92
CA VAL E 41 23.22 6.16 9.38
C VAL E 41 23.70 6.87 8.11
N ASN E 42 23.04 7.99 7.80
CA ASN E 42 23.29 8.74 6.57
C ASN E 42 24.01 10.02 6.96
N GLU E 43 25.33 9.98 6.79
CA GLU E 43 26.22 11.08 7.18
C GLU E 43 25.91 12.34 6.37
N ILE E 44 25.43 12.17 5.13
CA ILE E 44 25.13 13.25 4.18
C ILE E 44 23.84 14.02 4.57
N THR E 45 22.76 13.32 4.95
CA THR E 45 21.57 14.04 5.38
C THR E 45 21.19 13.51 6.70
N ASN E 46 21.87 13.96 7.73
CA ASN E 46 21.56 13.58 9.14
C ASN E 46 20.29 12.77 9.49
N GLU E 47 20.27 11.52 9.02
CA GLU E 47 19.14 10.65 9.23
C GLU E 47 19.56 9.30 9.71
N VAL E 48 18.72 8.73 10.57
CA VAL E 48 18.93 7.38 11.02
C VAL E 48 17.65 6.58 10.94
N ASP E 49 17.81 5.29 10.66
CA ASP E 49 16.74 4.30 10.53
C ASP E 49 16.88 3.31 11.66
N VAL E 50 15.85 3.19 12.49
CA VAL E 50 15.90 2.31 13.63
C VAL E 50 14.75 1.32 13.54
N VAL E 51 14.97 0.10 14.06
CA VAL E 51 13.91 -0.87 14.32
C VAL E 51 13.78 -0.99 15.83
N PHE E 52 12.56 -0.94 16.34
CA PHE E 52 12.32 -1.06 17.77
C PHE E 52 10.98 -1.69 18.05
N TRP E 53 10.87 -2.41 19.17
CA TRP E 53 9.59 -2.91 19.63
C TRP E 53 9.01 -1.80 20.51
N GLN E 54 7.81 -1.35 20.17
CA GLN E 54 7.13 -0.30 20.93
C GLN E 54 6.12 -0.91 21.93
N GLN E 55 6.60 -1.18 23.14
CA GLN E 55 5.79 -1.79 24.16
C GLN E 55 4.85 -0.79 24.73
N THR E 56 3.55 -0.97 24.48
CA THR E 56 2.52 -0.03 24.90
C THR E 56 1.50 -0.79 25.74
N THR E 57 1.21 -0.32 26.95
CA THR E 57 0.14 -0.91 27.76
C THR E 57 -0.81 0.17 28.30
N TRP E 58 -2.05 -0.23 28.58
CA TRP E 58 -3.11 0.62 29.14
C TRP E 58 -4.25 -0.24 29.63
N SER E 59 -5.23 0.35 30.30
CA SER E 59 -6.38 -0.36 30.84
C SER E 59 -7.64 0.08 30.14
N ASP E 60 -8.55 -0.87 29.94
CA ASP E 60 -9.95 -0.63 29.59
C ASP E 60 -10.78 -1.64 30.35
N ARG E 61 -11.24 -1.24 31.54
CA ARG E 61 -11.93 -2.13 32.50
C ARG E 61 -13.30 -2.54 31.95
N THR E 62 -13.82 -1.87 30.91
CA THR E 62 -15.04 -2.34 30.25
C THR E 62 -14.88 -3.73 29.64
N LEU E 63 -13.65 -4.06 29.22
CA LEU E 63 -13.31 -5.35 28.62
C LEU E 63 -13.13 -6.52 29.60
N ALA E 64 -13.05 -6.24 30.90
CA ALA E 64 -12.74 -7.26 31.87
C ALA E 64 -13.76 -8.40 31.95
N TRP E 65 -13.29 -9.60 32.27
CA TRP E 65 -14.16 -10.75 32.50
C TRP E 65 -13.60 -11.57 33.65
N ASN E 66 -14.43 -12.48 34.14
CA ASN E 66 -14.10 -13.40 35.19
C ASN E 66 -13.26 -14.59 34.71
N SER E 67 -12.00 -14.63 35.16
CA SER E 67 -10.99 -15.54 34.65
C SER E 67 -10.94 -16.92 35.31
N SER E 68 -11.95 -17.26 36.11
CA SER E 68 -12.06 -18.58 36.76
C SER E 68 -12.63 -19.49 35.68
N HIS E 69 -12.08 -20.71 35.59
CA HIS E 69 -12.44 -21.67 34.54
C HIS E 69 -12.56 -20.96 33.17
N SER E 70 -11.57 -20.11 32.87
CA SER E 70 -11.53 -19.29 31.68
C SER E 70 -10.10 -18.89 31.34
N PRO E 71 -9.82 -18.61 30.05
CA PRO E 71 -8.55 -18.01 29.65
C PRO E 71 -8.33 -16.65 30.35
N ASP E 72 -7.08 -16.38 30.75
CA ASP E 72 -6.74 -15.16 31.47
C ASP E 72 -6.43 -14.06 30.50
N GLN E 73 -6.12 -14.42 29.25
CA GLN E 73 -5.83 -13.47 28.18
C GLN E 73 -6.36 -13.94 26.83
N VAL E 74 -6.47 -12.99 25.91
CA VAL E 74 -6.62 -13.30 24.50
C VAL E 74 -5.86 -12.33 23.63
N SER E 75 -5.59 -12.79 22.40
CA SER E 75 -5.06 -11.99 21.30
C SER E 75 -6.27 -11.51 20.52
N VAL E 76 -6.34 -10.21 20.25
CA VAL E 76 -7.46 -9.60 19.53
C VAL E 76 -6.85 -8.68 18.48
N PRO E 77 -7.40 -8.61 17.26
CA PRO E 77 -6.85 -7.69 16.26
C PRO E 77 -7.07 -6.23 16.70
N ILE E 78 -6.08 -5.37 16.51
CA ILE E 78 -6.20 -3.98 16.95
C ILE E 78 -7.38 -3.18 16.36
N SER E 79 -7.90 -3.59 15.20
CA SER E 79 -9.10 -2.97 14.62
C SER E 79 -10.38 -3.20 15.44
N SER E 80 -10.35 -4.16 16.38
CA SER E 80 -11.41 -4.30 17.35
C SER E 80 -11.28 -3.46 18.63
N LEU E 81 -10.11 -2.87 18.84
CA LEU E 81 -9.82 -2.15 20.08
C LEU E 81 -9.51 -0.70 19.79
N TRP E 82 -9.75 0.14 20.78
CA TRP E 82 -9.16 1.43 20.89
C TRP E 82 -7.69 1.26 21.20
N VAL E 83 -6.87 2.03 20.50
CA VAL E 83 -5.44 2.06 20.70
C VAL E 83 -5.10 3.53 20.84
N PRO E 84 -4.14 3.89 21.73
CA PRO E 84 -3.73 5.28 21.84
C PRO E 84 -3.12 5.82 20.53
N ASP E 85 -3.40 7.07 20.17
CA ASP E 85 -2.89 7.69 18.94
C ASP E 85 -1.46 8.25 19.16
N LEU E 86 -0.55 7.38 19.58
CA LEU E 86 0.86 7.81 19.83
C LEU E 86 1.56 8.09 18.48
N ALA E 87 2.44 9.10 18.48
CA ALA E 87 3.32 9.39 17.36
C ALA E 87 4.67 9.86 17.85
N ALA E 88 5.68 9.58 17.06
CA ALA E 88 6.96 10.20 17.19
C ALA E 88 6.88 11.54 16.53
N TYR E 89 6.73 12.59 17.34
CA TYR E 89 6.64 14.02 16.91
C TYR E 89 7.74 14.36 15.90
N ASN E 90 8.92 13.77 16.01
CA ASN E 90 10.07 14.12 15.14
C ASN E 90 10.42 13.05 14.13
N ALA E 91 9.47 12.14 13.85
CA ALA E 91 9.72 11.13 12.82
C ALA E 91 9.63 11.78 11.47
N ILE E 92 10.40 11.26 10.50
CA ILE E 92 10.36 11.76 9.16
C ILE E 92 9.96 10.68 8.19
N SER E 93 9.44 9.57 8.70
CA SER E 93 8.85 8.55 7.84
C SER E 93 7.70 7.94 8.55
N LYS E 94 6.77 7.39 7.80
CA LYS E 94 5.62 6.68 8.32
C LYS E 94 6.15 5.46 9.07
N PRO E 95 5.62 5.15 10.26
CA PRO E 95 6.04 3.96 10.98
C PRO E 95 5.65 2.75 10.15
N GLU E 96 6.62 1.89 9.82
CA GLU E 96 6.36 0.66 9.15
C GLU E 96 6.24 -0.42 10.25
N VAL E 97 5.04 -0.97 10.39
CA VAL E 97 4.77 -2.05 11.34
C VAL E 97 5.12 -3.37 10.72
N LEU E 98 6.09 -4.08 11.32
CA LEU E 98 6.64 -5.33 10.75
C LEU E 98 5.87 -6.59 11.14
N THR E 99 5.07 -6.50 12.22
CA THR E 99 4.53 -7.66 12.92
C THR E 99 3.01 -7.72 12.79
N PRO E 100 2.37 -8.89 13.04
CA PRO E 100 0.92 -8.98 13.02
C PRO E 100 0.24 -7.96 13.95
N GLN E 101 -0.80 -7.29 13.47
CA GLN E 101 -1.47 -6.24 14.20
C GLN E 101 -2.49 -6.78 15.18
N LEU E 102 -1.98 -7.46 16.20
CA LEU E 102 -2.76 -8.04 17.26
C LEU E 102 -2.30 -7.47 18.58
N ALA E 103 -3.24 -7.31 19.51
CA ALA E 103 -2.92 -6.91 20.88
C ALA E 103 -3.37 -8.03 21.79
N ARG E 104 -2.75 -8.10 22.98
CA ARG E 104 -3.11 -9.03 24.08
C ARG E 104 -4.09 -8.29 25.00
N VAL E 105 -5.24 -8.86 25.28
CA VAL E 105 -6.13 -8.35 26.29
C VAL E 105 -6.15 -9.32 27.46
N VAL E 106 -5.90 -8.82 28.68
CA VAL E 106 -5.93 -9.60 29.90
C VAL E 106 -7.30 -9.43 30.61
N SER E 107 -7.68 -10.44 31.40
CA SER E 107 -9.00 -10.55 32.02
C SER E 107 -9.39 -9.39 32.89
N ASP E 108 -8.39 -8.68 33.42
CA ASP E 108 -8.61 -7.48 34.26
C ASP E 108 -8.84 -6.22 33.43
N GLY E 109 -8.70 -6.34 32.11
CA GLY E 109 -8.88 -5.22 31.22
C GLY E 109 -7.59 -4.55 30.76
N GLU E 110 -6.46 -5.13 31.14
CA GLU E 110 -5.20 -4.63 30.66
C GLU E 110 -5.00 -5.06 29.20
N VAL E 111 -4.51 -4.12 28.39
CA VAL E 111 -4.22 -4.32 26.97
C VAL E 111 -2.72 -4.08 26.75
N LEU E 112 -2.07 -5.03 26.08
CA LEU E 112 -0.67 -4.93 25.67
C LEU E 112 -0.58 -5.00 24.15
N TYR E 113 0.00 -3.96 23.54
CA TYR E 113 0.25 -3.85 22.08
C TYR E 113 1.74 -3.56 21.90
N MET E 114 2.47 -4.45 21.25
CA MET E 114 3.91 -4.32 21.09
C MET E 114 4.28 -4.64 19.64
N PRO E 115 4.01 -3.73 18.69
CA PRO E 115 4.46 -3.89 17.33
C PRO E 115 5.98 -3.72 17.21
N SER E 116 6.60 -4.48 16.32
CA SER E 116 7.94 -4.12 15.87
C SER E 116 7.78 -3.05 14.77
N ILE E 117 8.51 -1.94 14.95
CA ILE E 117 8.40 -0.80 14.09
C ILE E 117 9.74 -0.42 13.49
N ARG E 118 9.73 -0.14 12.19
CA ARG E 118 10.87 0.50 11.50
C ARG E 118 10.48 1.93 11.13
N GLN E 119 11.34 2.88 11.44
CA GLN E 119 11.05 4.27 11.28
C GLN E 119 12.34 5.09 11.19
N ARG E 120 12.26 6.20 10.46
CA ARG E 120 13.39 7.11 10.18
C ARG E 120 13.26 8.35 11.05
N PHE E 121 14.39 8.87 11.56
CA PHE E 121 14.40 10.08 12.36
C PHE E 121 15.53 10.95 11.88
N SER E 122 15.41 12.25 12.13
CA SER E 122 16.53 13.18 11.93
C SER E 122 17.33 13.18 13.20
N CYS E 123 18.64 12.96 13.09
CA CYS E 123 19.55 13.02 14.25
C CYS E 123 20.97 13.39 13.76
N ASP E 124 21.76 14.03 14.65
CA ASP E 124 23.16 14.36 14.37
C ASP E 124 24.01 13.08 14.42
N VAL E 125 24.50 12.67 13.25
CA VAL E 125 25.23 11.41 13.11
C VAL E 125 26.72 11.62 12.86
N SER E 126 27.23 12.83 13.12
CA SER E 126 28.62 13.15 12.89
C SER E 126 29.60 12.42 13.83
N GLY E 127 29.16 12.14 15.06
CA GLY E 127 30.02 11.56 16.09
C GLY E 127 29.86 10.08 16.29
N VAL E 128 29.06 9.46 15.40
CA VAL E 128 28.76 8.02 15.44
C VAL E 128 30.00 7.16 15.37
N ASP E 129 31.06 7.66 14.70
CA ASP E 129 32.31 6.92 14.57
C ASP E 129 33.33 7.31 15.64
N THR E 130 32.91 8.09 16.65
CA THR E 130 33.74 8.40 17.81
C THR E 130 33.39 7.47 18.97
N GLU E 131 34.18 7.56 20.05
CA GLU E 131 34.02 6.71 21.20
C GLU E 131 32.77 7.07 22.03
N SER E 132 32.43 8.36 22.10
CA SER E 132 31.23 8.85 22.79
C SER E 132 29.99 8.63 21.96
N GLY E 133 30.18 8.53 20.64
CA GLY E 133 29.11 8.23 19.72
C GLY E 133 28.13 9.34 19.50
N ALA E 134 27.02 9.00 18.84
CA ALA E 134 25.90 9.91 18.57
C ALA E 134 24.68 9.56 19.46
N THR E 135 23.71 10.49 19.52
CA THR E 135 22.47 10.32 20.25
C THR E 135 21.28 10.65 19.33
N CYS E 136 20.38 9.69 19.15
CA CYS E 136 19.11 9.89 18.51
C CYS E 136 18.03 10.07 19.58
N ARG E 137 17.33 11.20 19.59
CA ARG E 137 16.24 11.51 20.53
C ARG E 137 14.89 11.31 19.83
N ILE E 138 14.02 10.47 20.40
CA ILE E 138 12.71 10.21 19.86
C ILE E 138 11.70 10.68 20.89
N LYS E 139 10.85 11.62 20.45
CA LYS E 139 9.81 12.22 21.29
C LYS E 139 8.50 11.60 20.91
N ILE E 140 7.89 10.87 21.86
CA ILE E 140 6.60 10.22 21.71
C ILE E 140 5.53 10.79 22.62
N GLY E 141 4.38 11.09 22.02
CA GLY E 141 3.14 11.45 22.72
C GLY E 141 1.90 11.24 21.84
N SER E 142 0.73 11.45 22.47
CA SER E 142 -0.56 11.45 21.79
C SER E 142 -0.60 12.54 20.76
N TRP E 143 -1.14 12.23 19.59
CA TRP E 143 -1.23 13.18 18.55
C TRP E 143 -2.38 14.17 18.82
N THR E 144 -3.49 13.71 19.40
CA THR E 144 -4.65 14.60 19.59
C THR E 144 -5.20 14.77 21.00
N HIS E 145 -4.70 13.99 21.96
CA HIS E 145 -5.24 13.97 23.32
C HIS E 145 -4.27 14.67 24.29
N HIS E 146 -4.77 15.66 25.02
CA HIS E 146 -3.99 16.20 26.12
C HIS E 146 -3.98 15.28 27.37
N SER E 147 -3.24 15.73 28.40
CA SER E 147 -2.93 14.87 29.54
C SER E 147 -4.11 14.43 30.44
N ARG E 148 -5.25 15.14 30.36
CA ARG E 148 -6.48 14.74 31.09
C ARG E 148 -7.26 13.67 30.34
N GLU E 149 -6.89 13.36 29.09
CA GLU E 149 -7.51 12.27 28.35
C GLU E 149 -6.55 11.07 28.21
N ILE E 150 -5.28 11.37 27.92
CA ILE E 150 -4.28 10.32 27.84
C ILE E 150 -3.00 10.80 28.54
N SER E 151 -2.53 9.99 29.49
CA SER E 151 -1.28 10.24 30.12
C SER E 151 -0.32 9.19 29.63
N VAL E 152 0.96 9.58 29.54
CA VAL E 152 1.97 8.74 28.96
C VAL E 152 3.15 8.73 29.93
N ASP E 153 3.55 7.51 30.32
CA ASP E 153 4.72 7.28 31.15
C ASP E 153 5.71 6.28 30.58
N PRO E 154 7.01 6.52 30.81
CA PRO E 154 8.05 5.61 30.35
C PRO E 154 7.98 4.41 31.30
N THR E 155 8.52 3.27 30.85
CA THR E 155 8.90 2.13 31.72
C THR E 155 10.23 1.53 31.27
N SER E 159 15.39 1.18 31.29
CA SER E 159 16.33 1.96 30.48
C SER E 159 17.54 1.14 30.03
N ASP E 160 18.33 1.76 29.16
CA ASP E 160 19.56 1.25 28.48
C ASP E 160 19.69 -0.07 27.69
N ASP E 161 18.84 -1.09 27.91
CA ASP E 161 19.24 -2.49 27.63
C ASP E 161 19.54 -2.73 26.12
N SER E 162 20.48 -3.65 25.93
CA SER E 162 20.85 -4.21 24.62
C SER E 162 20.25 -5.61 24.39
N GLU E 163 19.27 -6.05 25.20
CA GLU E 163 18.87 -7.47 25.25
C GLU E 163 18.34 -7.98 23.90
N TYR E 164 17.64 -7.09 23.20
CA TYR E 164 16.96 -7.43 21.94
C TYR E 164 17.77 -6.90 20.76
N PHE E 165 18.92 -6.26 21.00
CA PHE E 165 19.67 -5.66 19.91
C PHE E 165 20.45 -6.69 19.11
N SER E 166 20.35 -6.59 17.77
CA SER E 166 21.03 -7.47 16.86
C SER E 166 22.55 -7.38 17.04
N GLN E 167 23.16 -8.51 17.39
CA GLN E 167 24.61 -8.58 17.39
C GLN E 167 25.20 -8.39 16.01
N TYR E 168 24.41 -8.32 14.95
CA TYR E 168 24.92 -8.27 13.55
C TYR E 168 24.93 -6.84 13.01
N SER E 169 24.27 -5.89 13.68
CA SER E 169 24.33 -4.47 13.34
C SER E 169 25.77 -3.96 13.33
N ARG E 170 26.05 -3.04 12.40
CA ARG E 170 27.31 -2.25 12.32
C ARG E 170 27.47 -1.39 13.58
N PHE E 171 26.34 -1.10 14.27
CA PHE E 171 26.32 -0.23 15.43
C PHE E 171 26.13 -0.99 16.72
N GLU E 172 26.49 -0.32 17.83
CA GLU E 172 26.25 -0.83 19.19
C GLU E 172 25.64 0.27 20.06
N ILE E 173 24.84 -0.16 21.03
CA ILE E 173 24.15 0.73 21.94
C ILE E 173 25.03 0.98 23.14
N LEU E 174 25.31 2.26 23.39
CA LEU E 174 26.03 2.69 24.55
C LEU E 174 25.05 2.87 25.70
N ASP E 175 23.90 3.50 25.42
CA ASP E 175 22.94 3.81 26.45
C ASP E 175 21.59 4.12 25.86
N VAL E 176 20.54 3.83 26.63
CA VAL E 176 19.16 4.27 26.37
C VAL E 176 18.56 4.88 27.64
N THR E 177 18.11 6.14 27.55
CA THR E 177 17.45 6.81 28.65
C THR E 177 16.10 7.30 28.17
N GLN E 178 15.15 7.31 29.10
CA GLN E 178 13.76 7.68 28.89
C GLN E 178 13.44 8.72 29.95
N LYS E 179 13.09 9.94 29.54
CA LYS E 179 12.48 10.89 30.48
C LYS E 179 11.06 11.24 30.01
N LYS E 180 10.19 11.54 30.98
CA LYS E 180 8.90 12.11 30.73
C LYS E 180 8.97 13.63 30.81
N ASN E 181 8.22 14.28 29.92
CA ASN E 181 8.05 15.75 29.88
C ASN E 181 6.56 16.10 29.95
N SER E 182 6.25 17.13 30.76
CA SER E 182 4.90 17.56 31.07
C SER E 182 4.97 19.09 31.14
N VAL E 183 4.25 19.74 30.25
CA VAL E 183 4.32 21.20 30.08
C VAL E 183 2.90 21.69 30.23
N THR E 184 2.74 22.83 30.91
CA THR E 184 1.48 23.59 30.95
C THR E 184 1.77 24.98 30.40
N TYR E 185 0.98 25.42 29.43
CA TYR E 185 1.13 26.77 28.80
C TYR E 185 0.08 27.74 29.36
N SER E 186 0.37 29.04 29.28
CA SER E 186 -0.46 30.06 29.93
C SER E 186 -1.88 30.20 29.35
N CYS E 187 -2.03 29.85 28.07
CA CYS E 187 -3.33 29.85 27.38
C CYS E 187 -4.40 28.90 27.99
N CYS E 188 -3.93 27.73 28.47
CA CYS E 188 -4.71 26.51 28.53
C CYS E 188 -4.39 25.76 29.83
N PRO E 189 -5.39 25.40 30.67
CA PRO E 189 -5.13 24.81 31.98
C PRO E 189 -4.60 23.36 31.96
N GLU E 190 -4.68 22.65 30.82
CA GLU E 190 -4.21 21.27 30.76
C GLU E 190 -2.69 21.17 30.46
N ALA E 191 -2.16 20.02 30.90
CA ALA E 191 -0.78 19.65 30.69
C ALA E 191 -0.63 18.75 29.45
N TYR E 192 0.48 18.95 28.75
CA TYR E 192 0.86 18.13 27.57
C TYR E 192 2.10 17.32 27.94
N GLU E 193 2.00 15.98 27.80
CA GLU E 193 2.97 15.00 28.18
C GLU E 193 3.59 14.39 26.91
N ASP E 194 4.89 14.12 26.97
CA ASP E 194 5.58 13.27 26.03
C ASP E 194 6.61 12.43 26.76
N VAL E 195 7.09 11.34 26.13
CA VAL E 195 8.22 10.60 26.58
C VAL E 195 9.35 10.86 25.61
N GLU E 196 10.50 11.26 26.12
CA GLU E 196 11.70 11.45 25.31
C GLU E 196 12.62 10.28 25.54
N VAL E 197 12.95 9.59 24.45
CA VAL E 197 13.85 8.46 24.47
C VAL E 197 15.16 8.91 23.82
N SER E 198 16.28 8.69 24.50
CA SER E 198 17.60 8.98 23.97
C SER E 198 18.38 7.70 23.69
N LEU E 199 18.78 7.53 22.43
CA LEU E 199 19.51 6.36 21.99
C LEU E 199 20.94 6.80 21.71
N ASN E 200 21.86 6.38 22.56
CA ASN E 200 23.27 6.76 22.41
C ASN E 200 23.90 5.52 21.78
N PHE E 201 24.50 5.69 20.60
CA PHE E 201 25.07 4.56 19.86
C PHE E 201 26.31 4.99 19.09
N ARG E 202 27.07 4.00 18.62
CA ARG E 202 28.29 4.24 17.80
C ARG E 202 28.60 3.06 16.87
N LYS E 203 29.36 3.33 15.80
CA LYS E 203 29.86 2.33 14.87
C LYS E 203 30.74 1.38 15.66
N LYS E 204 30.68 0.09 15.39
CA LYS E 204 31.55 -0.90 16.04
C LYS E 204 32.98 -0.74 15.60
N GLY E 205 33.91 -1.03 16.53
CA GLY E 205 35.35 -0.96 16.26
C GLY E 205 35.89 -2.13 15.45
N CYS F 2 -3.54 26.14 22.33
CA CYS F 2 -2.66 27.30 22.57
C CYS F 2 -2.82 28.33 21.42
N CYS F 3 -1.71 28.50 20.70
CA CYS F 3 -1.60 28.34 19.27
C CYS F 3 -0.52 27.22 19.12
N ALA F 4 0.68 27.46 19.69
CA ALA F 4 1.97 26.83 19.34
C ALA F 4 2.33 25.42 19.82
N ARG F 5 3.36 24.84 19.13
CA ARG F 5 4.52 24.03 19.65
C ARG F 5 4.26 22.51 19.69
N ASN F 6 3.35 22.07 20.56
CA ASN F 6 2.97 20.67 20.79
C ASN F 6 1.77 20.27 19.93
N PRO F 7 1.80 19.10 19.21
CA PRO F 7 0.75 18.71 18.27
C PRO F 7 -0.68 18.68 18.86
N ALA F 8 -0.82 18.07 20.04
CA ALA F 8 -2.10 17.83 20.65
C ALA F 8 -2.70 19.15 21.12
N CYS F 9 -1.82 20.06 21.57
CA CYS F 9 -2.25 21.39 22.05
C CYS F 9 -2.84 22.19 20.87
N ARG F 10 -2.17 22.10 19.71
CA ARG F 10 -2.64 22.70 18.43
C ARG F 10 -4.01 22.13 18.04
N HIS F 11 -4.27 20.84 18.33
CA HIS F 11 -5.55 20.20 18.04
C HIS F 11 -6.67 20.81 18.92
N ASN F 12 -6.39 20.91 20.24
CA ASN F 12 -7.37 21.27 21.27
C ASN F 12 -7.60 22.74 21.43
N HIS F 13 -6.76 23.56 20.80
CA HIS F 13 -6.89 25.01 20.93
C HIS F 13 -6.37 25.65 19.65
N PRO F 14 -7.17 25.54 18.56
CA PRO F 14 -6.66 25.54 17.18
C PRO F 14 -5.50 26.46 16.78
N CYS F 15 -5.71 27.79 16.78
CA CYS F 15 -4.82 28.78 16.13
C CYS F 15 -5.28 29.23 14.70
#